data_7JJO
#
_entry.id   7JJO
#
_cell.length_a   1.00
_cell.length_b   1.00
_cell.length_c   1.00
_cell.angle_alpha   90.00
_cell.angle_beta   90.00
_cell.angle_gamma   90.00
#
_symmetry.space_group_name_H-M   'P 1'
#
loop_
_entity.id
_entity.type
_entity.pdbx_description
1 polymer 'Guanine nucleotide-binding protein G(I)/G(S)/G(T) subunit beta-1'
2 polymer 'Nanobody 35'
3 polymer 'Guanine nucleotide-binding protein G(s) subunit alpha isoforms short'
4 polymer 'Guanine nucleotide-binding protein G(I)/G(S)/G(O) subunit gamma-2'
5 polymer 'Beta1-Adrenergic Receptor'
6 non-polymer ISOPRENALINE
#
loop_
_entity_poly.entity_id
_entity_poly.type
_entity_poly.pdbx_seq_one_letter_code
_entity_poly.pdbx_strand_id
1 'polypeptide(L)'
;SELDQLRQEAEQLKNQIRDARKACADATLSQITNNIDPVGRIQMRTRRTLRGHLAKIYAMHWGTDSRLLVSASQDGKLII
WDSYTTNKVHAIPLRSSWVMTCAYAPSGNYVACGGLDNICSIYNLKTREGNVRVSRELAGHTGYLSCCRFLDDNQIVTSS
GDTTCALWDIETGQQTTTFTGHTGDVMSLSLAPDTRLFVSGACDASAKLWDVREGMCRQTFTGHESDINAICFFPNGNAF
ATGSDDATCRLFDLRADQELMTYSHDNIICGITSVSFSKSGRLLLAGYDDFNCNVWDALKADRAGVLAGHDNRVSCLGVT
DDGMAVATGSWDSFLKIWN
;
B
2 'polypeptide(L)'
;QVQLQESGGGLVQPGGSLRLSCAASGFTFSNYKMNWVRQAPGKGLEWVSDISQSGASISYTGSVKGRFTISRDNAKNTLY
LQMNSLKPEDTAVYYCARCPAPFTRDCFDVTSTTYAYRGQGTQVTVSSHHHHHHEPEA
;
N
3 'polypeptide(L)'
;GPLAMGCLGNSKTEDQRNEEKGQREANKKIEKQLQKDKQVYRATHRLLLLGAGESGKSTIVKQMRILHVNGFNGDSEKAT
KVQDIKNNLKEAIETIVAAMSNLVPPVELANPENQFRVDYILSVMNVPDFDFPPEFYEHAKALWEDEGVRACYERSNEYQ
LIDCAQYFLDKIDVIKQDDYVPSDQDLLRCRVLTSGIFETKFQVDKVNFHMFDVGGQRDERRKWIQCFNDVTAIIFVVAS
SSYNMVIREDNQTNRLQEALNLFKSIWNNRWLRTISVILFLNKQDLLAEKVLAGKSKIEDYFPEFARYTTPEDATPEPGE
DPRVTRAKYFIRDEFLRISTASGDGRHYCYPHFTCAVDTENIRRVFNDCRDIIQRMHLRQYELL
;
A
4 'polypeptide(L)' MASNNTASIAQARKLVEQLKMEANIDRIKVSKAAADLMAYCEAHAKEDPLLTPVPASENPFREKKFFSAIL G
5 'polypeptide(L)'
;MKTIIALSYIFCLVFADYKDDDDKLEVLFQGPNIFEMLRIDEGLRLKIYKDTEGYYTIGIGHLLTKSPSLNAAKSELDKA
IGRNTNGVITKDEAEKLFNQDVDAAVRGILRNAKLKPVYDSLDAVRRAALINMVFQMGETGVAGFTNSLRMLQQKRWDEA
AVNLAKSRWYNQTPNRAKRVITTFRTGTWDAYAAGAELLSQQWEAGMSLLMALVVLLIVAGNVLVIAAIGSTQRLQTLTN
LFITSLACADLVVGLLVVPFGATLVVRGTWLWGSFLCELWTSLDVLCVTASIETLCVIAIDRYLAITSPFRYQSLMTRAR
AKVIICTVWAISALVSFLPIMMHWWRDEDPQALKCYQDPGCCDFVTNRAYAIASSIISFYIPLLIMIFVYLRVYREAKEQ
IRKIDRCEGRFREHKALKTLGIIMGVFTLCWLPFFLVNIVNVFNRDLVPDWLFVFFNWLGYANSAFNPIIYCRSPDFRKA
FKRLLCFPRKADRRLEVLFQGPHHHHHH
;
R
#
loop_
_chem_comp.id
_chem_comp.type
_chem_comp.name
_chem_comp.formula
5FW non-polymer ISOPRENALINE 'C11 H17 N O3'
#
# COMPACT_ATOMS: atom_id res chain seq x y z
N GLU A 2 51.44 3.74 -17.07
CA GLU A 2 50.81 3.99 -18.37
C GLU A 2 49.31 4.19 -18.20
N LEU A 3 48.80 3.89 -17.01
CA LEU A 3 47.37 4.00 -16.72
C LEU A 3 47.00 5.32 -16.07
N ASP A 4 47.98 6.07 -15.54
CA ASP A 4 47.67 7.37 -14.96
C ASP A 4 47.37 8.41 -16.03
N GLN A 5 48.05 8.34 -17.17
CA GLN A 5 47.77 9.29 -18.25
C GLN A 5 46.36 9.12 -18.78
N LEU A 6 45.80 7.90 -18.73
CA LEU A 6 44.42 7.72 -19.15
C LEU A 6 43.47 8.17 -18.06
N ARG A 7 43.86 7.98 -16.80
CA ARG A 7 43.13 8.57 -15.69
C ARG A 7 42.95 10.07 -15.89
N GLN A 8 44.04 10.77 -16.21
CA GLN A 8 43.95 12.20 -16.40
C GLN A 8 43.43 12.58 -17.78
N GLU A 9 43.43 11.66 -18.74
CA GLU A 9 42.62 11.84 -19.94
C GLU A 9 41.15 11.96 -19.57
N ALA A 10 40.67 11.02 -18.76
CA ALA A 10 39.31 11.10 -18.23
C ALA A 10 39.11 12.41 -17.47
N GLU A 11 40.09 12.81 -16.66
CA GLU A 11 39.98 14.07 -15.93
C GLU A 11 39.83 15.25 -16.88
N GLN A 12 40.65 15.31 -17.93
CA GLN A 12 40.57 16.40 -18.89
C GLN A 12 39.20 16.42 -19.56
N LEU A 13 38.71 15.25 -19.96
CA LEU A 13 37.39 15.21 -20.59
C LEU A 13 36.32 15.72 -19.64
N LYS A 14 36.35 15.27 -18.37
CA LYS A 14 35.36 15.71 -17.40
C LYS A 14 35.44 17.21 -17.18
N ASN A 15 36.65 17.75 -17.03
CA ASN A 15 36.79 19.18 -16.79
C ASN A 15 36.32 19.99 -17.99
N GLN A 16 36.66 19.55 -19.20
CA GLN A 16 36.22 20.25 -20.40
C GLN A 16 34.70 20.27 -20.48
N ILE A 17 34.06 19.12 -20.27
CA ILE A 17 32.61 19.07 -20.36
C ILE A 17 31.97 19.93 -19.27
N ARG A 18 32.53 19.89 -18.05
CA ARG A 18 31.97 20.68 -16.96
C ARG A 18 32.07 22.17 -17.26
N ASP A 19 33.21 22.62 -17.76
CA ASP A 19 33.37 24.05 -18.07
C ASP A 19 32.50 24.46 -19.24
N ALA A 20 32.38 23.60 -20.26
CA ALA A 20 31.53 23.92 -21.40
C ALA A 20 30.06 23.97 -20.98
N ARG A 21 29.69 23.20 -19.96
CA ARG A 21 28.32 23.28 -19.44
C ARG A 21 28.13 24.54 -18.62
N LYS A 22 29.13 24.89 -17.81
CA LYS A 22 29.08 26.13 -17.04
C LYS A 22 29.02 27.37 -17.93
N ALA A 23 29.63 27.31 -19.12
CA ALA A 23 29.61 28.47 -20.00
C ALA A 23 28.21 28.76 -20.51
N CYS A 24 27.44 27.72 -20.81
CA CYS A 24 26.07 27.87 -21.28
C CYS A 24 25.12 28.01 -20.09
N ALA A 25 25.39 29.03 -19.28
CA ALA A 25 24.59 29.31 -18.09
C ALA A 25 24.09 30.74 -18.13
N ASP A 26 23.54 31.15 -19.27
CA ASP A 26 23.12 32.53 -19.47
C ASP A 26 22.23 33.00 -18.33
N ALA A 27 21.14 32.27 -18.07
CA ALA A 27 20.20 32.67 -17.04
C ALA A 27 19.38 31.46 -16.63
N THR A 28 18.72 31.59 -15.47
CA THR A 28 17.89 30.52 -14.94
C THR A 28 16.53 30.51 -15.61
N LEU A 29 15.90 29.33 -15.66
CA LEU A 29 14.55 29.23 -16.19
C LEU A 29 13.59 30.11 -15.41
N SER A 30 13.74 30.16 -14.08
CA SER A 30 12.85 30.95 -13.26
C SER A 30 12.92 32.43 -13.59
N GLN A 31 14.02 32.89 -14.20
CA GLN A 31 14.15 34.31 -14.52
C GLN A 31 13.32 34.67 -15.75
N ILE A 32 13.59 34.04 -16.89
CA ILE A 32 12.86 34.35 -18.12
C ILE A 32 11.38 34.03 -17.98
N THR A 33 11.02 33.14 -17.05
CA THR A 33 9.62 32.79 -16.81
C THR A 33 9.02 33.59 -15.66
N ASN A 34 9.63 34.71 -15.30
CA ASN A 34 9.17 35.50 -14.16
C ASN A 34 8.09 36.51 -14.51
N ASN A 35 7.73 36.63 -15.80
CA ASN A 35 6.74 37.59 -16.24
C ASN A 35 5.52 36.93 -16.88
N ILE A 36 5.41 35.60 -16.74
CA ILE A 36 4.28 34.89 -17.33
C ILE A 36 3.10 34.93 -16.39
N ASP A 37 1.93 34.61 -16.91
CA ASP A 37 0.70 34.62 -16.11
C ASP A 37 0.65 33.36 -15.26
N PRO A 38 0.49 33.46 -13.94
CA PRO A 38 0.33 32.25 -13.13
C PRO A 38 -0.89 31.45 -13.56
N VAL A 39 -0.71 30.13 -13.66
CA VAL A 39 -1.79 29.26 -14.14
C VAL A 39 -3.03 29.42 -13.27
N GLY A 40 -2.84 29.48 -11.96
CA GLY A 40 -3.96 29.55 -11.02
C GLY A 40 -4.31 28.18 -10.46
N ARG A 41 -5.35 28.17 -9.64
CA ARG A 41 -5.78 26.95 -8.99
C ARG A 41 -6.46 26.04 -10.01
N ILE A 42 -5.90 24.84 -10.17
CA ILE A 42 -6.45 23.83 -11.08
C ILE A 42 -7.31 22.89 -10.25
N GLN A 43 -8.62 22.95 -10.46
CA GLN A 43 -9.60 22.17 -9.69
C GLN A 43 -10.21 21.12 -10.63
N MET A 44 -9.65 19.92 -10.60
CA MET A 44 -10.17 18.80 -11.36
C MET A 44 -11.03 17.92 -10.46
N ARG A 45 -12.05 17.32 -11.06
CA ARG A 45 -12.95 16.41 -10.36
C ARG A 45 -12.92 15.04 -11.02
N THR A 46 -13.30 14.02 -10.25
CA THR A 46 -13.37 12.67 -10.76
C THR A 46 -14.64 12.50 -11.57
N ARG A 47 -14.51 12.09 -12.83
CA ARG A 47 -15.65 11.87 -13.70
C ARG A 47 -16.03 10.41 -13.84
N ARG A 48 -15.05 9.50 -13.80
CA ARG A 48 -15.30 8.07 -13.91
C ARG A 48 -14.46 7.33 -12.89
N THR A 49 -15.04 6.26 -12.34
CA THR A 49 -14.33 5.38 -11.42
C THR A 49 -14.44 3.96 -11.99
N LEU A 50 -13.37 3.50 -12.64
CA LEU A 50 -13.32 2.16 -13.18
C LEU A 50 -12.98 1.19 -12.06
N ARG A 51 -13.89 0.25 -11.80
CA ARG A 51 -13.72 -0.80 -10.81
C ARG A 51 -13.79 -2.15 -11.49
N GLY A 52 -13.21 -3.16 -10.85
CA GLY A 52 -13.20 -4.49 -11.41
C GLY A 52 -11.91 -5.24 -11.14
N HIS A 53 -10.81 -4.50 -10.95
CA HIS A 53 -9.55 -5.12 -10.57
C HIS A 53 -9.62 -5.58 -9.11
N LEU A 54 -9.00 -6.71 -8.83
CA LEU A 54 -9.00 -7.27 -7.48
C LEU A 54 -7.82 -6.80 -6.65
N ALA A 55 -6.63 -6.77 -7.22
CA ALA A 55 -5.41 -6.38 -6.53
C ALA A 55 -4.95 -5.01 -7.00
N LYS A 56 -3.77 -4.60 -6.52
CA LYS A 56 -3.24 -3.29 -6.87
C LYS A 56 -2.95 -3.22 -8.38
N ILE A 57 -3.22 -2.05 -8.96
CA ILE A 57 -2.90 -1.80 -10.35
C ILE A 57 -1.49 -1.28 -10.45
N TYR A 58 -0.73 -1.78 -11.43
CA TYR A 58 0.66 -1.38 -11.58
C TYR A 58 0.92 -0.44 -12.75
N ALA A 59 0.15 -0.53 -13.84
CA ALA A 59 0.41 0.31 -15.00
C ALA A 59 -0.88 0.45 -15.81
N MET A 60 -0.87 1.45 -16.68
CA MET A 60 -1.98 1.68 -17.60
C MET A 60 -1.46 2.46 -18.80
N HIS A 61 -2.14 2.30 -19.91
CA HIS A 61 -1.80 3.02 -21.14
C HIS A 61 -3.08 3.26 -21.92
N TRP A 62 -3.17 4.43 -22.56
CA TRP A 62 -4.43 4.84 -23.16
C TRP A 62 -4.65 4.22 -24.54
N GLY A 63 -3.81 4.55 -25.49
CA GLY A 63 -4.09 4.21 -26.87
C GLY A 63 -4.44 5.47 -27.67
N THR A 64 -4.09 5.43 -28.95
CA THR A 64 -4.18 6.62 -29.79
C THR A 64 -5.61 7.10 -30.02
N ASP A 65 -6.61 6.39 -29.52
CA ASP A 65 -8.00 6.80 -29.71
C ASP A 65 -8.52 7.71 -28.60
N SER A 66 -7.81 7.80 -27.47
CA SER A 66 -8.21 8.59 -26.32
C SER A 66 -9.54 8.16 -25.73
N ARG A 67 -10.03 6.98 -26.09
CA ARG A 67 -11.27 6.43 -25.55
C ARG A 67 -11.04 5.14 -24.80
N LEU A 68 -10.40 4.16 -25.42
CA LEU A 68 -10.08 2.90 -24.77
C LEU A 68 -8.78 3.02 -23.99
N LEU A 69 -8.64 2.16 -22.99
CA LEU A 69 -7.39 2.14 -22.22
C LEU A 69 -7.21 0.78 -21.56
N VAL A 70 -5.95 0.33 -21.51
CA VAL A 70 -5.61 -0.95 -20.90
C VAL A 70 -5.00 -0.70 -19.53
N SER A 71 -5.29 -1.62 -18.61
CA SER A 71 -4.76 -1.57 -17.26
C SER A 71 -4.30 -2.95 -16.84
N ALA A 72 -3.21 -3.00 -16.09
CA ALA A 72 -2.61 -4.25 -15.63
C ALA A 72 -2.67 -4.30 -14.11
N SER A 73 -3.20 -5.41 -13.58
CA SER A 73 -3.30 -5.60 -12.14
C SER A 73 -2.68 -6.93 -11.75
N GLN A 74 -1.92 -6.91 -10.65
CA GLN A 74 -1.18 -8.05 -10.16
C GLN A 74 -2.09 -9.17 -9.64
N ASP A 75 -3.41 -9.00 -9.71
CA ASP A 75 -4.30 -10.15 -9.64
C ASP A 75 -4.18 -11.03 -10.87
N GLY A 76 -3.34 -10.64 -11.83
CA GLY A 76 -3.10 -11.42 -13.02
C GLY A 76 -4.07 -11.07 -14.13
N LYS A 77 -4.42 -9.78 -14.26
CA LYS A 77 -5.46 -9.39 -15.19
C LYS A 77 -5.02 -8.19 -16.02
N LEU A 78 -5.42 -8.22 -17.30
CA LEU A 78 -5.26 -7.09 -18.22
C LEU A 78 -6.65 -6.71 -18.71
N ILE A 79 -7.15 -5.55 -18.26
CA ILE A 79 -8.50 -5.13 -18.59
C ILE A 79 -8.42 -3.95 -19.55
N ILE A 80 -9.12 -4.07 -20.68
CA ILE A 80 -9.26 -2.99 -21.65
C ILE A 80 -10.66 -2.42 -21.48
N TRP A 81 -10.72 -1.18 -21.02
CA TRP A 81 -11.96 -0.47 -20.74
C TRP A 81 -12.25 0.55 -21.82
N ASP A 82 -13.54 0.84 -21.99
CA ASP A 82 -14.03 2.00 -22.73
C ASP A 82 -14.35 3.08 -21.72
N SER A 83 -13.52 4.14 -21.68
CA SER A 83 -13.66 5.14 -20.64
C SER A 83 -14.96 5.92 -20.75
N TYR A 84 -15.51 6.03 -21.97
CA TYR A 84 -16.73 6.80 -22.15
C TYR A 84 -17.91 6.16 -21.44
N THR A 85 -18.10 4.85 -21.63
CA THR A 85 -19.26 4.15 -21.09
C THR A 85 -18.93 3.33 -19.84
N THR A 86 -17.66 3.21 -19.48
CA THR A 86 -17.19 2.45 -18.32
C THR A 86 -17.28 0.94 -18.54
N ASN A 87 -17.69 0.48 -19.72
CA ASN A 87 -17.81 -0.95 -19.96
C ASN A 87 -16.45 -1.57 -20.21
N LYS A 88 -16.31 -2.83 -19.83
CA LYS A 88 -15.08 -3.58 -20.04
C LYS A 88 -15.10 -4.17 -21.45
N VAL A 89 -14.21 -3.69 -22.31
CA VAL A 89 -14.16 -4.18 -23.67
C VAL A 89 -13.49 -5.55 -23.73
N HIS A 90 -12.41 -5.74 -22.96
CA HIS A 90 -11.71 -7.01 -22.95
C HIS A 90 -11.17 -7.30 -21.55
N ALA A 91 -11.07 -8.59 -21.24
CA ALA A 91 -10.46 -9.06 -20.00
C ALA A 91 -9.55 -10.22 -20.34
N ILE A 92 -8.25 -10.06 -20.14
CA ILE A 92 -7.24 -11.03 -20.55
C ILE A 92 -6.61 -11.60 -19.29
N PRO A 93 -6.68 -12.92 -19.07
CA PRO A 93 -5.90 -13.53 -18.00
C PRO A 93 -4.47 -13.78 -18.44
N LEU A 94 -3.54 -13.51 -17.54
CA LEU A 94 -2.11 -13.57 -17.83
C LEU A 94 -1.49 -14.81 -17.19
N ARG A 95 -0.44 -15.32 -17.83
CA ARG A 95 0.28 -16.46 -17.29
C ARG A 95 0.80 -16.16 -15.88
N SER A 96 1.65 -15.16 -15.77
CA SER A 96 2.24 -14.78 -14.48
C SER A 96 1.44 -13.64 -13.87
N SER A 97 1.11 -13.79 -12.58
CA SER A 97 0.31 -12.78 -11.90
C SER A 97 1.07 -11.48 -11.71
N TRP A 98 2.39 -11.53 -11.61
CA TRP A 98 3.21 -10.38 -11.24
C TRP A 98 3.59 -9.61 -12.50
N VAL A 99 2.79 -8.62 -12.84
CA VAL A 99 3.05 -7.73 -13.97
C VAL A 99 3.41 -6.36 -13.45
N MET A 100 4.23 -5.64 -14.22
CA MET A 100 4.68 -4.31 -13.85
C MET A 100 4.41 -3.25 -14.90
N THR A 101 4.12 -3.64 -16.14
CA THR A 101 3.94 -2.67 -17.21
C THR A 101 2.99 -3.25 -18.26
N CYS A 102 2.36 -2.35 -19.01
CA CYS A 102 1.49 -2.73 -20.11
C CYS A 102 1.53 -1.62 -21.15
N ALA A 103 1.32 -1.99 -22.41
CA ALA A 103 1.42 -1.05 -23.51
C ALA A 103 0.31 -1.30 -24.52
N TYR A 104 -0.24 -0.21 -25.04
CA TYR A 104 -1.25 -0.24 -26.11
C TYR A 104 -0.59 0.16 -27.41
N ALA A 105 -0.75 -0.66 -28.44
CA ALA A 105 -0.10 -0.38 -29.71
C ALA A 105 -0.77 0.81 -30.40
N PRO A 106 0.01 1.63 -31.12
CA PRO A 106 -0.60 2.78 -31.81
C PRO A 106 -1.74 2.39 -32.75
N SER A 107 -1.68 1.21 -33.34
CA SER A 107 -2.74 0.76 -34.23
C SER A 107 -3.94 0.20 -33.51
N GLY A 108 -3.83 -0.06 -32.20
CA GLY A 108 -4.92 -0.63 -31.44
C GLY A 108 -5.15 -2.11 -31.65
N ASN A 109 -4.31 -2.77 -32.44
CA ASN A 109 -4.51 -4.18 -32.76
C ASN A 109 -3.82 -5.12 -31.78
N TYR A 110 -2.81 -4.64 -31.04
CA TYR A 110 -2.02 -5.48 -30.17
C TYR A 110 -1.88 -4.83 -28.80
N VAL A 111 -1.67 -5.67 -27.79
CA VAL A 111 -1.39 -5.20 -26.44
C VAL A 111 -0.17 -5.96 -25.93
N ALA A 112 0.54 -5.36 -24.99
CA ALA A 112 1.77 -5.95 -24.47
C ALA A 112 1.80 -5.81 -22.95
N CYS A 113 2.38 -6.81 -22.30
CA CYS A 113 2.53 -6.80 -20.85
C CYS A 113 3.79 -7.58 -20.47
N GLY A 114 4.15 -7.48 -19.20
CA GLY A 114 5.32 -8.17 -18.70
C GLY A 114 5.58 -7.80 -17.26
N GLY A 115 6.52 -8.52 -16.65
CA GLY A 115 6.84 -8.28 -15.26
C GLY A 115 7.96 -9.16 -14.74
N LEU A 116 7.77 -9.71 -13.54
CA LEU A 116 8.77 -10.56 -12.91
C LEU A 116 9.01 -11.85 -13.68
N ASP A 117 8.22 -12.15 -14.71
CA ASP A 117 8.44 -13.34 -15.51
C ASP A 117 9.60 -13.19 -16.48
N ASN A 118 10.22 -12.01 -16.57
CA ASN A 118 11.35 -11.76 -17.45
C ASN A 118 10.99 -11.90 -18.92
N ILE A 119 9.70 -11.82 -19.26
CA ILE A 119 9.22 -12.02 -20.60
C ILE A 119 8.25 -10.90 -20.96
N CYS A 120 8.18 -10.57 -22.25
CA CYS A 120 7.23 -9.58 -22.76
C CYS A 120 6.21 -10.31 -23.61
N SER A 121 4.98 -10.40 -23.11
CA SER A 121 3.91 -11.09 -23.81
C SER A 121 3.12 -10.10 -24.67
N ILE A 122 2.91 -10.47 -25.93
CA ILE A 122 2.17 -9.64 -26.89
C ILE A 122 0.94 -10.41 -27.32
N TYR A 123 -0.23 -9.84 -27.01
CA TYR A 123 -1.52 -10.44 -27.33
C TYR A 123 -2.15 -9.71 -28.51
N ASN A 124 -2.80 -10.46 -29.38
CA ASN A 124 -3.51 -9.92 -30.52
C ASN A 124 -4.98 -9.68 -30.17
N LEU A 125 -5.52 -8.57 -30.65
CA LEU A 125 -6.89 -8.19 -30.35
C LEU A 125 -7.84 -8.32 -31.54
N LYS A 126 -7.34 -8.30 -32.76
CA LYS A 126 -8.16 -8.37 -33.97
C LYS A 126 -7.99 -9.75 -34.58
N THR A 127 -8.82 -10.70 -34.13
CA THR A 127 -8.74 -12.08 -34.59
C THR A 127 -10.10 -12.52 -35.12
N ARG A 128 -10.08 -13.21 -36.25
CA ARG A 128 -11.31 -13.77 -36.79
C ARG A 128 -11.91 -14.80 -35.85
N GLU A 129 -11.12 -15.34 -34.92
CA GLU A 129 -11.68 -16.25 -33.92
C GLU A 129 -12.56 -15.51 -32.93
N GLY A 130 -12.34 -14.21 -32.76
CA GLY A 130 -13.10 -13.42 -31.81
C GLY A 130 -12.59 -13.44 -30.40
N ASN A 131 -11.59 -14.27 -30.10
CA ASN A 131 -11.01 -14.38 -28.77
C ASN A 131 -9.56 -13.90 -28.82
N VAL A 132 -9.14 -13.21 -27.75
CA VAL A 132 -7.78 -12.70 -27.68
C VAL A 132 -6.83 -13.84 -27.37
N ARG A 133 -5.76 -13.94 -28.13
CA ARG A 133 -4.73 -14.96 -27.96
C ARG A 133 -3.41 -14.29 -27.63
N VAL A 134 -2.43 -15.11 -27.27
CA VAL A 134 -1.07 -14.64 -27.06
C VAL A 134 -0.32 -14.81 -28.38
N SER A 135 0.00 -13.69 -29.03
CA SER A 135 0.60 -13.74 -30.35
C SER A 135 2.10 -14.01 -30.28
N ARG A 136 2.78 -13.45 -29.28
CA ARG A 136 4.23 -13.60 -29.20
C ARG A 136 4.69 -13.53 -27.76
N GLU A 137 5.87 -14.08 -27.50
CA GLU A 137 6.51 -14.01 -26.19
C GLU A 137 7.98 -13.70 -26.41
N LEU A 138 8.38 -12.47 -26.12
CA LEU A 138 9.76 -12.03 -26.29
C LEU A 138 10.53 -12.35 -25.01
N ALA A 139 11.57 -13.18 -25.16
CA ALA A 139 12.40 -13.62 -24.05
C ALA A 139 13.86 -13.32 -24.36
N GLY A 140 14.65 -13.16 -23.30
CA GLY A 140 16.06 -12.85 -23.45
C GLY A 140 16.57 -11.92 -22.37
N HIS A 141 15.65 -11.20 -21.72
CA HIS A 141 16.03 -10.36 -20.59
C HIS A 141 16.34 -11.22 -19.38
N THR A 142 17.39 -10.85 -18.64
CA THR A 142 17.79 -11.56 -17.43
C THR A 142 17.24 -10.91 -16.17
N GLY A 143 16.36 -9.92 -16.31
CA GLY A 143 15.74 -9.28 -15.16
C GLY A 143 14.30 -8.94 -15.48
N TYR A 144 13.59 -8.50 -14.45
CA TYR A 144 12.19 -8.19 -14.60
C TYR A 144 12.00 -7.02 -15.57
N LEU A 145 10.91 -7.07 -16.32
CA LEU A 145 10.56 -5.98 -17.22
C LEU A 145 9.86 -4.87 -16.44
N SER A 146 10.34 -3.65 -16.60
CA SER A 146 9.78 -2.50 -15.90
C SER A 146 8.94 -1.61 -16.80
N CYS A 147 9.17 -1.64 -18.11
CA CYS A 147 8.42 -0.80 -19.03
C CYS A 147 8.61 -1.32 -20.44
N CYS A 148 7.58 -1.13 -21.26
CA CYS A 148 7.62 -1.50 -22.67
C CYS A 148 6.76 -0.52 -23.46
N ARG A 149 7.20 -0.22 -24.67
CA ARG A 149 6.49 0.73 -25.53
C ARG A 149 6.60 0.28 -26.97
N PHE A 150 5.49 0.41 -27.70
CA PHE A 150 5.46 0.04 -29.11
C PHE A 150 6.02 1.15 -29.98
N LEU A 151 6.77 0.76 -31.01
CA LEU A 151 7.10 1.67 -32.09
C LEU A 151 6.13 1.53 -33.25
N ASP A 152 5.75 0.30 -33.57
CA ASP A 152 4.74 -0.01 -34.56
C ASP A 152 4.29 -1.45 -34.31
N ASP A 153 3.53 -2.00 -35.24
CA ASP A 153 3.02 -3.36 -35.07
C ASP A 153 4.12 -4.42 -35.13
N ASN A 154 5.38 -4.03 -35.41
CA ASN A 154 6.44 -5.01 -35.58
C ASN A 154 7.73 -4.63 -34.84
N GLN A 155 7.69 -3.67 -33.93
CA GLN A 155 8.86 -3.31 -33.15
C GLN A 155 8.41 -2.84 -31.78
N ILE A 156 9.14 -3.26 -30.74
CA ILE A 156 8.80 -2.87 -29.37
C ILE A 156 10.10 -2.69 -28.57
N VAL A 157 10.14 -1.62 -27.78
CA VAL A 157 11.29 -1.30 -26.95
C VAL A 157 10.94 -1.62 -25.51
N THR A 158 11.82 -2.36 -24.83
CA THR A 158 11.60 -2.81 -23.47
C THR A 158 12.78 -2.44 -22.59
N SER A 159 12.50 -2.21 -21.31
CA SER A 159 13.51 -1.95 -20.30
C SER A 159 13.36 -2.98 -19.19
N SER A 160 14.49 -3.50 -18.72
CA SER A 160 14.52 -4.60 -17.77
C SER A 160 15.27 -4.19 -16.51
N GLY A 161 15.08 -4.98 -15.46
CA GLY A 161 15.83 -4.81 -14.23
C GLY A 161 17.27 -5.24 -14.30
N ASP A 162 17.71 -5.78 -15.44
CA ASP A 162 19.08 -6.20 -15.63
C ASP A 162 19.97 -5.08 -16.16
N THR A 163 19.55 -3.83 -16.01
CA THR A 163 20.36 -2.66 -16.40
C THR A 163 20.60 -2.64 -17.91
N THR A 164 19.56 -3.01 -18.67
CA THR A 164 19.67 -3.07 -20.12
C THR A 164 18.32 -2.76 -20.74
N CYS A 165 18.34 -2.17 -21.92
CA CYS A 165 17.15 -1.99 -22.74
C CYS A 165 17.33 -2.75 -24.05
N ALA A 166 16.21 -3.04 -24.71
CA ALA A 166 16.27 -3.88 -25.90
C ALA A 166 15.17 -3.48 -26.89
N LEU A 167 15.52 -3.49 -28.17
CA LEU A 167 14.56 -3.33 -29.26
C LEU A 167 14.29 -4.70 -29.86
N TRP A 168 13.02 -5.06 -29.98
CA TRP A 168 12.61 -6.38 -30.43
C TRP A 168 11.79 -6.26 -31.70
N ASP A 169 12.13 -7.09 -32.69
CA ASP A 169 11.26 -7.34 -33.82
C ASP A 169 10.26 -8.43 -33.44
N ILE A 170 8.97 -8.15 -33.63
CA ILE A 170 7.94 -9.04 -33.08
C ILE A 170 7.73 -10.25 -33.96
N GLU A 171 7.80 -10.11 -35.29
CA GLU A 171 7.52 -11.24 -36.16
C GLU A 171 8.50 -12.38 -35.91
N THR A 172 9.80 -12.10 -36.01
CA THR A 172 10.80 -13.13 -35.79
C THR A 172 11.04 -13.42 -34.31
N GLY A 173 10.72 -12.47 -33.44
CA GLY A 173 10.91 -12.69 -32.02
C GLY A 173 12.35 -12.61 -31.55
N GLN A 174 13.19 -11.83 -32.23
CA GLN A 174 14.59 -11.70 -31.89
C GLN A 174 14.88 -10.31 -31.37
N GLN A 175 16.05 -10.17 -30.74
CA GLN A 175 16.51 -8.92 -30.15
C GLN A 175 17.47 -8.27 -31.14
N THR A 176 16.98 -7.25 -31.86
CA THR A 176 17.78 -6.63 -32.91
C THR A 176 18.88 -5.75 -32.34
N THR A 177 18.54 -4.89 -31.38
CA THR A 177 19.50 -3.95 -30.80
C THR A 177 19.39 -3.98 -29.29
N THR A 178 20.54 -3.86 -28.62
CA THR A 178 20.61 -3.80 -27.18
C THR A 178 21.25 -2.48 -26.76
N PHE A 179 20.81 -1.96 -25.62
CA PHE A 179 21.25 -0.67 -25.09
C PHE A 179 21.78 -0.90 -23.69
N THR A 180 23.09 -0.77 -23.52
CA THR A 180 23.76 -0.96 -22.25
C THR A 180 24.49 0.30 -21.84
N GLY A 181 24.80 0.40 -20.55
CA GLY A 181 25.46 1.58 -20.01
C GLY A 181 24.97 1.98 -18.65
N HIS A 182 23.74 1.61 -18.31
CA HIS A 182 23.20 1.89 -16.99
C HIS A 182 23.83 0.96 -15.96
N THR A 183 24.05 1.49 -14.77
CA THR A 183 24.64 0.73 -13.66
C THR A 183 23.59 0.32 -12.62
N GLY A 184 22.31 0.53 -12.90
CA GLY A 184 21.26 0.12 -12.00
C GLY A 184 20.03 -0.37 -12.74
N ASP A 185 18.96 -0.67 -12.00
CA ASP A 185 17.72 -1.12 -12.62
C ASP A 185 17.09 0.01 -13.41
N VAL A 186 16.81 -0.23 -14.69
CA VAL A 186 16.10 0.73 -15.51
C VAL A 186 14.62 0.64 -15.19
N MET A 187 14.05 1.72 -14.66
CA MET A 187 12.69 1.70 -14.15
C MET A 187 11.66 2.23 -15.14
N SER A 188 12.04 3.16 -16.01
CA SER A 188 11.09 3.77 -16.92
C SER A 188 11.79 4.11 -18.23
N LEU A 189 10.98 4.22 -19.28
CA LEU A 189 11.46 4.65 -20.59
C LEU A 189 10.35 5.43 -21.29
N SER A 190 10.74 6.47 -22.01
CA SER A 190 9.80 7.34 -22.71
C SER A 190 10.26 7.52 -24.15
N LEU A 191 9.36 7.26 -25.08
CA LEU A 191 9.66 7.39 -26.50
C LEU A 191 9.41 8.82 -26.97
N ALA A 192 10.32 9.34 -27.78
CA ALA A 192 10.13 10.66 -28.36
C ALA A 192 9.07 10.59 -29.46
N PRO A 193 8.40 11.72 -29.74
CA PRO A 193 7.36 11.69 -30.79
C PRO A 193 7.85 11.21 -32.13
N ASP A 194 9.13 11.43 -32.46
CA ASP A 194 9.66 10.98 -33.74
C ASP A 194 9.95 9.48 -33.77
N THR A 195 10.03 8.83 -32.60
CA THR A 195 10.30 7.41 -32.46
C THR A 195 11.75 7.05 -32.80
N ARG A 196 12.62 8.05 -32.98
CA ARG A 196 14.02 7.79 -33.28
C ARG A 196 14.90 7.78 -32.04
N LEU A 197 14.54 8.53 -31.00
CA LEU A 197 15.28 8.57 -29.76
C LEU A 197 14.36 8.17 -28.61
N PHE A 198 14.96 7.80 -27.48
CA PHE A 198 14.18 7.54 -26.29
C PHE A 198 15.08 7.66 -25.06
N VAL A 199 14.49 8.16 -23.98
CA VAL A 199 15.21 8.37 -22.72
C VAL A 199 14.84 7.26 -21.75
N SER A 200 15.76 6.95 -20.85
CA SER A 200 15.53 5.91 -19.85
C SER A 200 16.16 6.33 -18.53
N GLY A 201 15.43 6.14 -17.44
CA GLY A 201 15.91 6.44 -16.11
C GLY A 201 16.10 5.16 -15.32
N ALA A 202 17.17 5.11 -14.53
CA ALA A 202 17.56 3.91 -13.80
C ALA A 202 17.76 4.23 -12.32
N CYS A 203 18.08 3.19 -11.56
CA CYS A 203 18.28 3.31 -10.12
C CYS A 203 19.62 3.93 -9.75
N ASP A 204 20.51 4.17 -10.72
CA ASP A 204 21.77 4.84 -10.46
C ASP A 204 21.62 6.35 -10.41
N ALA A 205 20.39 6.88 -10.38
CA ALA A 205 20.13 8.31 -10.26
C ALA A 205 20.62 9.06 -11.49
N SER A 206 20.51 8.44 -12.66
CA SER A 206 20.90 9.08 -13.91
C SER A 206 19.97 8.64 -15.02
N ALA A 207 19.79 9.53 -16.00
CA ALA A 207 19.00 9.24 -17.18
C ALA A 207 19.91 9.23 -18.41
N LYS A 208 19.50 8.47 -19.43
CA LYS A 208 20.31 8.33 -20.63
C LYS A 208 19.42 8.45 -21.86
N LEU A 209 19.94 9.12 -22.89
CA LEU A 209 19.26 9.29 -24.16
C LEU A 209 19.88 8.34 -25.18
N TRP A 210 19.05 7.49 -25.79
CA TRP A 210 19.50 6.48 -26.73
C TRP A 210 18.90 6.75 -28.11
N ASP A 211 19.71 6.53 -29.14
CA ASP A 211 19.25 6.54 -30.52
C ASP A 211 18.90 5.12 -30.94
N VAL A 212 17.72 4.94 -31.53
CA VAL A 212 17.20 3.60 -31.75
C VAL A 212 17.93 2.93 -32.93
N ARG A 213 18.26 3.70 -33.96
CA ARG A 213 18.83 3.15 -35.19
C ARG A 213 20.34 2.99 -35.13
N GLU A 214 20.97 3.23 -33.99
CA GLU A 214 22.41 3.05 -33.84
C GLU A 214 22.83 2.29 -32.60
N GLY A 215 22.00 2.24 -31.55
CA GLY A 215 22.35 1.50 -30.36
C GLY A 215 23.49 2.10 -29.57
N MET A 216 23.49 3.42 -29.39
CA MET A 216 24.54 4.11 -28.64
C MET A 216 23.90 5.22 -27.82
N CYS A 217 24.47 5.45 -26.63
CA CYS A 217 23.98 6.49 -25.75
C CYS A 217 24.50 7.84 -26.22
N ARG A 218 23.57 8.79 -26.42
CA ARG A 218 23.95 10.11 -26.91
C ARG A 218 24.34 11.03 -25.75
N GLN A 219 23.51 11.11 -24.73
CA GLN A 219 23.75 12.01 -23.60
C GLN A 219 23.35 11.34 -22.30
N THR A 220 24.04 11.72 -21.23
CA THR A 220 23.76 11.27 -19.88
C THR A 220 23.45 12.47 -19.01
N PHE A 221 22.45 12.33 -18.14
CA PHE A 221 21.97 13.42 -17.31
C PHE A 221 21.95 12.97 -15.86
N THR A 222 22.52 13.78 -14.98
CA THR A 222 22.58 13.50 -13.57
C THR A 222 22.14 14.74 -12.79
N GLY A 223 21.90 14.55 -11.49
CA GLY A 223 21.44 15.63 -10.65
C GLY A 223 20.47 15.17 -9.59
N HIS A 224 19.84 14.01 -9.81
CA HIS A 224 19.00 13.41 -8.80
C HIS A 224 19.86 12.74 -7.74
N GLU A 225 19.33 12.69 -6.52
CA GLU A 225 20.06 12.11 -5.39
C GLU A 225 19.72 10.66 -5.12
N SER A 226 18.71 10.11 -5.78
CA SER A 226 18.28 8.74 -5.54
C SER A 226 17.75 8.15 -6.84
N ASP A 227 17.07 7.01 -6.73
CA ASP A 227 16.60 6.30 -7.91
C ASP A 227 15.55 7.13 -8.66
N ILE A 228 15.57 7.01 -9.99
CA ILE A 228 14.59 7.64 -10.85
C ILE A 228 13.52 6.61 -11.18
N ASN A 229 12.28 6.90 -10.81
CA ASN A 229 11.18 5.96 -10.98
C ASN A 229 10.36 6.22 -12.24
N ALA A 230 10.30 7.47 -12.70
CA ALA A 230 9.46 7.84 -13.83
C ALA A 230 10.20 8.83 -14.71
N ILE A 231 9.87 8.81 -16.00
CA ILE A 231 10.48 9.71 -16.98
C ILE A 231 9.48 9.91 -18.11
N CYS A 232 9.33 11.16 -18.54
CA CYS A 232 8.36 11.52 -19.57
C CYS A 232 8.94 12.59 -20.47
N PHE A 233 8.66 12.49 -21.77
CA PHE A 233 9.14 13.45 -22.73
C PHE A 233 8.25 14.69 -22.77
N PHE A 234 8.86 15.83 -23.04
CA PHE A 234 8.11 17.04 -23.30
C PHE A 234 7.48 16.97 -24.68
N PRO A 235 6.27 17.53 -24.87
CA PRO A 235 5.58 17.36 -26.16
C PRO A 235 6.42 17.66 -27.39
N ASN A 236 7.34 18.63 -27.33
CA ASN A 236 8.13 18.97 -28.50
C ASN A 236 9.32 18.03 -28.70
N GLY A 237 9.70 17.27 -27.67
CA GLY A 237 10.79 16.34 -27.78
C GLY A 237 12.18 16.91 -27.52
N ASN A 238 12.27 18.14 -27.02
CA ASN A 238 13.54 18.78 -26.75
C ASN A 238 13.86 18.87 -25.26
N ALA A 239 13.11 18.15 -24.43
CA ALA A 239 13.33 18.16 -22.98
C ALA A 239 12.54 17.01 -22.40
N PHE A 240 12.76 16.75 -21.11
CA PHE A 240 12.03 15.69 -20.43
C PHE A 240 12.03 15.98 -18.94
N ALA A 241 11.24 15.18 -18.21
CA ALA A 241 11.09 15.33 -16.77
C ALA A 241 11.32 13.99 -16.10
N THR A 242 11.87 14.03 -14.89
CA THR A 242 12.23 12.84 -14.15
C THR A 242 11.73 12.97 -12.72
N GLY A 243 11.06 11.94 -12.22
CA GLY A 243 10.65 11.85 -10.83
C GLY A 243 11.47 10.80 -10.11
N SER A 244 11.87 11.11 -8.88
CA SER A 244 12.83 10.28 -8.15
C SER A 244 12.33 10.02 -6.73
N ASP A 245 13.08 9.16 -6.03
CA ASP A 245 12.79 8.84 -4.64
C ASP A 245 13.22 9.94 -3.67
N ASP A 246 13.98 10.94 -4.14
CA ASP A 246 14.38 12.06 -3.30
C ASP A 246 13.28 13.09 -3.14
N ALA A 247 12.05 12.78 -3.56
CA ALA A 247 10.89 13.64 -3.36
C ALA A 247 10.99 14.93 -4.17
N THR A 248 11.53 14.83 -5.38
CA THR A 248 11.63 15.98 -6.27
C THR A 248 11.39 15.53 -7.69
N CYS A 249 10.98 16.49 -8.52
CA CYS A 249 10.95 16.31 -9.97
C CYS A 249 11.96 17.25 -10.60
N ARG A 250 12.56 16.82 -11.70
CA ARG A 250 13.58 17.62 -12.37
C ARG A 250 13.31 17.65 -13.86
N LEU A 251 13.28 18.85 -14.43
CA LEU A 251 13.13 19.06 -15.86
C LEU A 251 14.51 19.31 -16.46
N PHE A 252 14.92 18.41 -17.37
CA PHE A 252 16.18 18.49 -18.09
C PHE A 252 15.93 18.86 -19.54
N ASP A 253 16.90 19.54 -20.14
CA ASP A 253 16.88 19.91 -21.55
C ASP A 253 17.95 19.13 -22.31
N LEU A 254 17.67 18.87 -23.58
CA LEU A 254 18.59 18.10 -24.41
C LEU A 254 19.65 18.97 -25.08
N ARG A 255 19.20 19.99 -25.83
CA ARG A 255 20.15 20.85 -26.54
C ARG A 255 21.01 21.67 -25.60
N ALA A 256 20.55 21.92 -24.37
CA ALA A 256 21.35 22.62 -23.38
C ALA A 256 22.24 21.67 -22.59
N ASP A 257 21.83 20.42 -22.43
CA ASP A 257 22.61 19.41 -21.72
C ASP A 257 22.73 19.73 -20.23
N GLN A 258 21.75 20.42 -19.68
CA GLN A 258 21.76 20.80 -18.27
C GLN A 258 20.38 20.56 -17.67
N GLU A 259 20.35 20.53 -16.34
CA GLU A 259 19.07 20.52 -15.63
C GLU A 259 18.46 21.91 -15.68
N LEU A 260 17.20 21.98 -16.09
CA LEU A 260 16.53 23.27 -16.23
C LEU A 260 15.77 23.68 -14.98
N MET A 261 15.02 22.76 -14.39
CA MET A 261 14.13 23.15 -13.30
C MET A 261 13.99 22.03 -12.27
N THR A 262 13.61 22.41 -11.05
CA THR A 262 13.37 21.48 -9.97
C THR A 262 12.05 21.84 -9.29
N TYR A 263 11.20 20.83 -9.09
CA TYR A 263 9.91 20.96 -8.44
C TYR A 263 9.94 20.17 -7.15
N SER A 264 9.74 20.85 -6.02
CA SER A 264 9.85 20.23 -4.71
C SER A 264 9.27 21.17 -3.66
N HIS A 265 9.01 20.62 -2.48
CA HIS A 265 8.52 21.40 -1.35
C HIS A 265 9.03 20.76 -0.07
N ASP A 266 9.18 21.58 0.97
CA ASP A 266 9.69 21.09 2.24
C ASP A 266 8.76 20.03 2.84
N ASN A 267 7.45 20.26 2.76
CA ASN A 267 6.49 19.36 3.36
C ASN A 267 6.25 18.10 2.52
N ILE A 268 6.98 17.91 1.43
CA ILE A 268 6.88 16.72 0.59
C ILE A 268 8.13 15.89 0.85
N ILE A 269 7.96 14.72 1.46
CA ILE A 269 9.09 13.86 1.81
C ILE A 269 8.83 12.45 1.30
N CYS A 270 7.96 12.31 0.31
CA CYS A 270 7.67 11.04 -0.32
C CYS A 270 8.20 11.04 -1.75
N GLY A 271 8.38 9.83 -2.28
CA GLY A 271 8.92 9.70 -3.62
C GLY A 271 7.87 9.90 -4.70
N ILE A 272 8.35 10.14 -5.91
CA ILE A 272 7.50 10.29 -7.09
C ILE A 272 7.45 8.95 -7.81
N THR A 273 6.24 8.52 -8.15
CA THR A 273 6.03 7.23 -8.81
C THR A 273 5.75 7.34 -10.30
N SER A 274 5.18 8.46 -10.75
CA SER A 274 4.83 8.61 -12.15
C SER A 274 4.78 10.09 -12.49
N VAL A 275 5.03 10.39 -13.77
CA VAL A 275 4.97 11.76 -14.27
C VAL A 275 4.36 11.75 -15.66
N SER A 276 3.81 12.90 -16.04
CA SER A 276 3.20 13.05 -17.36
C SER A 276 2.90 14.51 -17.59
N PHE A 277 3.07 14.97 -18.83
CA PHE A 277 2.77 16.33 -19.22
C PHE A 277 1.35 16.41 -19.79
N SER A 278 0.84 17.63 -19.86
CA SER A 278 -0.40 17.91 -20.56
C SER A 278 -0.11 18.12 -22.04
N LYS A 279 -1.19 18.25 -22.83
CA LYS A 279 -1.01 18.41 -24.27
C LYS A 279 -0.18 19.64 -24.60
N SER A 280 -0.32 20.71 -23.82
CA SER A 280 0.50 21.90 -24.04
C SER A 280 1.85 21.78 -23.36
N GLY A 281 1.96 20.95 -22.33
CA GLY A 281 3.20 20.75 -21.62
C GLY A 281 3.47 21.74 -20.51
N ARG A 282 2.52 22.62 -20.19
CA ARG A 282 2.71 23.56 -19.09
C ARG A 282 2.29 23.00 -17.74
N LEU A 283 1.50 21.92 -17.73
CA LEU A 283 1.11 21.27 -16.49
C LEU A 283 1.87 19.96 -16.37
N LEU A 284 2.59 19.79 -15.27
CA LEU A 284 3.32 18.55 -14.99
C LEU A 284 2.60 17.82 -13.88
N LEU A 285 2.02 16.67 -14.21
CA LEU A 285 1.28 15.86 -13.25
C LEU A 285 2.19 14.77 -12.71
N ALA A 286 2.27 14.65 -11.39
CA ALA A 286 3.16 13.69 -10.75
C ALA A 286 2.43 12.98 -9.62
N GLY A 287 2.45 11.65 -9.64
CA GLY A 287 1.89 10.86 -8.57
C GLY A 287 2.92 10.61 -7.48
N TYR A 288 2.46 10.58 -6.24
CA TYR A 288 3.33 10.45 -5.08
C TYR A 288 2.93 9.24 -4.24
N ASP A 289 3.83 8.86 -3.34
CA ASP A 289 3.56 7.76 -2.42
C ASP A 289 2.64 8.18 -1.27
N ASP A 290 2.35 9.47 -1.12
CA ASP A 290 1.44 9.95 -0.09
C ASP A 290 -0.01 9.88 -0.51
N PHE A 291 -0.33 9.10 -1.55
CA PHE A 291 -1.66 8.77 -2.03
C PHE A 291 -2.26 9.90 -2.87
N ASN A 292 -1.53 10.97 -3.15
CA ASN A 292 -2.06 12.11 -3.88
C ASN A 292 -1.28 12.31 -5.17
N CYS A 293 -1.82 13.19 -6.02
CA CYS A 293 -1.16 13.61 -7.25
C CYS A 293 -1.06 15.13 -7.26
N ASN A 294 0.09 15.64 -7.66
CA ASN A 294 0.34 17.07 -7.69
C ASN A 294 0.44 17.56 -9.13
N VAL A 295 -0.15 18.73 -9.38
CA VAL A 295 -0.12 19.38 -10.68
C VAL A 295 0.75 20.62 -10.53
N TRP A 296 1.96 20.55 -11.06
CA TRP A 296 2.92 21.64 -11.03
C TRP A 296 2.81 22.49 -12.29
N ASP A 297 3.10 23.79 -12.12
CA ASP A 297 3.29 24.69 -13.25
C ASP A 297 4.73 24.51 -13.73
N ALA A 298 4.90 23.74 -14.81
CA ALA A 298 6.24 23.37 -15.25
C ALA A 298 7.11 24.57 -15.57
N LEU A 299 6.53 25.74 -15.79
CA LEU A 299 7.30 26.94 -16.08
C LEU A 299 7.59 27.77 -14.84
N LYS A 300 6.71 27.74 -13.85
CA LYS A 300 6.89 28.51 -12.63
C LYS A 300 7.35 27.68 -11.45
N ALA A 301 7.23 26.36 -11.52
CA ALA A 301 7.62 25.43 -10.47
C ALA A 301 6.77 25.55 -9.22
N ASP A 302 5.67 26.28 -9.27
CA ASP A 302 4.76 26.44 -8.14
C ASP A 302 3.62 25.45 -8.26
N ARG A 303 3.39 24.66 -7.21
CA ARG A 303 2.32 23.69 -7.22
C ARG A 303 0.98 24.39 -7.48
N ALA A 304 0.28 23.93 -8.51
CA ALA A 304 -0.97 24.56 -8.94
C ALA A 304 -2.21 23.77 -8.60
N GLY A 305 -2.12 22.44 -8.47
CA GLY A 305 -3.29 21.64 -8.18
C GLY A 305 -2.97 20.37 -7.42
N VAL A 306 -4.01 19.80 -6.85
CA VAL A 306 -3.92 18.54 -6.11
C VAL A 306 -5.11 17.66 -6.48
N LEU A 307 -4.83 16.43 -6.88
CA LEU A 307 -5.85 15.40 -7.08
C LEU A 307 -5.70 14.42 -5.92
N ALA A 308 -6.72 14.38 -5.05
CA ALA A 308 -6.72 13.55 -3.85
C ALA A 308 -8.02 12.76 -3.82
N GLY A 309 -7.98 11.56 -4.40
CA GLY A 309 -9.14 10.69 -4.40
C GLY A 309 -8.79 9.23 -4.19
N HIS A 310 -7.51 8.93 -4.00
CA HIS A 310 -7.04 7.58 -3.80
C HIS A 310 -6.65 7.37 -2.34
N ASP A 311 -6.95 6.19 -1.83
CA ASP A 311 -6.65 5.83 -0.45
C ASP A 311 -5.38 5.00 -0.32
N ASN A 312 -4.62 4.85 -1.41
CA ASN A 312 -3.39 4.09 -1.39
C ASN A 312 -2.40 4.73 -2.35
N ARG A 313 -1.30 4.04 -2.60
CA ARG A 313 -0.21 4.60 -3.39
C ARG A 313 -0.60 4.74 -4.86
N VAL A 314 -0.40 5.94 -5.41
CA VAL A 314 -0.62 6.17 -6.83
C VAL A 314 0.54 5.59 -7.61
N SER A 315 0.23 4.80 -8.65
CA SER A 315 1.25 4.06 -9.38
C SER A 315 1.42 4.46 -10.84
N CYS A 316 0.42 5.10 -11.45
CA CYS A 316 0.52 5.42 -12.87
C CYS A 316 -0.32 6.65 -13.20
N LEU A 317 0.09 7.38 -14.23
CA LEU A 317 -0.61 8.56 -14.72
C LEU A 317 -0.97 8.38 -16.19
N GLY A 318 -2.04 9.05 -16.61
CA GLY A 318 -2.70 8.71 -17.85
C GLY A 318 -3.16 9.84 -18.77
N VAL A 319 -2.40 10.92 -18.89
CA VAL A 319 -2.83 11.99 -19.79
C VAL A 319 -3.07 11.42 -21.19
N THR A 320 -4.19 11.80 -21.80
CA THR A 320 -4.59 11.28 -23.10
C THR A 320 -3.81 11.98 -24.22
N ASP A 321 -4.02 11.51 -25.44
CA ASP A 321 -3.38 12.12 -26.60
C ASP A 321 -4.06 13.41 -27.01
N ASP A 322 -5.38 13.51 -26.85
CA ASP A 322 -6.10 14.73 -27.12
C ASP A 322 -6.14 15.68 -25.94
N GLY A 323 -5.64 15.24 -24.77
CA GLY A 323 -5.60 16.11 -23.61
C GLY A 323 -6.95 16.37 -22.96
N MET A 324 -7.91 15.48 -23.16
CA MET A 324 -9.24 15.68 -22.61
C MET A 324 -9.37 15.18 -21.18
N ALA A 325 -8.63 14.15 -20.79
CA ALA A 325 -8.78 13.58 -19.47
C ALA A 325 -7.47 12.96 -19.00
N VAL A 326 -7.35 12.82 -17.69
CA VAL A 326 -6.21 12.14 -17.06
C VAL A 326 -6.73 10.86 -16.42
N ALA A 327 -5.87 9.85 -16.35
CA ALA A 327 -6.21 8.59 -15.72
C ALA A 327 -5.19 8.29 -14.64
N THR A 328 -5.67 7.97 -13.45
CA THR A 328 -4.83 7.64 -12.31
C THR A 328 -5.17 6.24 -11.81
N GLY A 329 -4.16 5.39 -11.75
CA GLY A 329 -4.29 4.09 -11.12
C GLY A 329 -3.59 4.09 -9.77
N SER A 330 -4.04 3.22 -8.87
CA SER A 330 -3.53 3.20 -7.52
C SER A 330 -3.49 1.77 -7.01
N TRP A 331 -2.87 1.59 -5.85
CA TRP A 331 -2.83 0.30 -5.19
C TRP A 331 -4.13 -0.05 -4.50
N ASP A 332 -5.15 0.80 -4.60
CA ASP A 332 -6.47 0.51 -4.06
C ASP A 332 -7.34 -0.29 -5.02
N SER A 333 -6.82 -0.65 -6.19
CA SER A 333 -7.51 -1.47 -7.19
C SER A 333 -8.57 -0.69 -7.96
N PHE A 334 -8.49 0.63 -7.99
CA PHE A 334 -9.43 1.47 -8.71
C PHE A 334 -8.68 2.36 -9.69
N LEU A 335 -9.32 2.66 -10.82
CA LEU A 335 -8.82 3.68 -11.73
C LEU A 335 -9.77 4.86 -11.71
N LYS A 336 -9.23 6.07 -11.82
CA LYS A 336 -10.02 7.29 -11.76
C LYS A 336 -9.71 8.15 -12.97
N ILE A 337 -10.76 8.69 -13.59
CA ILE A 337 -10.63 9.61 -14.72
C ILE A 337 -10.95 11.01 -14.22
N TRP A 338 -10.05 11.95 -14.51
CA TRP A 338 -10.15 13.33 -14.06
C TRP A 338 -10.24 14.26 -15.25
N ASN A 339 -11.02 15.33 -15.11
CA ASN A 339 -11.13 16.36 -16.13
C ASN A 339 -11.00 17.74 -15.50
N GLN B 1 26.73 15.35 -9.29
CA GLN B 1 26.74 13.89 -9.20
C GLN B 1 26.98 13.47 -7.77
N VAL B 2 26.44 12.31 -7.41
CA VAL B 2 26.64 11.75 -6.07
C VAL B 2 28.07 11.21 -6.00
N GLN B 3 28.83 11.68 -5.01
CA GLN B 3 30.22 11.29 -4.84
C GLN B 3 30.51 11.00 -3.37
N LEU B 4 31.27 9.93 -3.13
CA LEU B 4 31.72 9.56 -1.79
C LEU B 4 33.19 9.17 -1.90
N GLN B 5 34.08 10.00 -1.37
CA GLN B 5 35.51 9.78 -1.44
C GLN B 5 36.04 9.40 -0.07
N GLU B 6 36.61 8.20 0.03
CA GLU B 6 37.21 7.72 1.26
C GLU B 6 38.71 7.96 1.25
N SER B 7 39.26 8.23 2.42
CA SER B 7 40.69 8.47 2.57
C SER B 7 41.10 8.15 3.99
N GLY B 8 42.41 8.11 4.20
CA GLY B 8 42.97 7.85 5.51
C GLY B 8 43.43 6.43 5.76
N GLY B 9 43.41 5.58 4.74
CA GLY B 9 43.86 4.21 4.88
C GLY B 9 45.33 4.06 4.54
N GLY B 10 45.95 3.05 5.14
CA GLY B 10 47.36 2.78 4.89
C GLY B 10 47.85 1.53 5.60
N LEU B 11 49.15 1.48 5.89
CA LEU B 11 49.77 0.36 6.57
C LEU B 11 49.97 0.70 8.04
N VAL B 12 49.77 -0.29 8.90
CA VAL B 12 49.88 -0.10 10.34
C VAL B 12 50.18 -1.44 10.98
N GLN B 13 51.09 -1.43 11.95
CA GLN B 13 51.43 -2.65 12.67
C GLN B 13 50.21 -3.16 13.43
N PRO B 14 50.19 -4.44 13.78
CA PRO B 14 49.06 -4.97 14.55
C PRO B 14 48.92 -4.26 15.89
N GLY B 15 47.68 -3.95 16.25
CA GLY B 15 47.41 -3.24 17.48
C GLY B 15 47.50 -1.73 17.36
N GLY B 16 47.60 -1.19 16.15
CA GLY B 16 47.68 0.23 15.93
C GLY B 16 46.32 0.87 15.84
N SER B 17 46.31 2.10 15.32
CA SER B 17 45.09 2.89 15.23
C SER B 17 45.06 3.64 13.91
N LEU B 18 43.84 3.86 13.41
CA LEU B 18 43.65 4.57 12.15
C LEU B 18 42.34 5.35 12.23
N ARG B 19 42.18 6.29 11.29
CA ARG B 19 40.97 7.09 11.21
C ARG B 19 40.62 7.31 9.75
N LEU B 20 39.58 6.62 9.29
CA LEU B 20 39.12 6.74 7.91
C LEU B 20 38.09 7.86 7.82
N SER B 21 38.24 8.72 6.80
CA SER B 21 37.34 9.85 6.58
C SER B 21 36.67 9.69 5.22
N CYS B 22 35.35 9.85 5.19
CA CYS B 22 34.55 9.76 3.98
C CYS B 22 33.90 11.12 3.74
N ALA B 23 34.30 11.77 2.65
CA ALA B 23 33.74 13.05 2.26
C ALA B 23 32.65 12.82 1.22
N ALA B 24 31.45 13.34 1.50
CA ALA B 24 30.29 13.16 0.64
C ALA B 24 30.00 14.44 -0.12
N SER B 25 29.38 14.29 -1.28
CA SER B 25 28.99 15.44 -2.09
C SER B 25 27.86 15.02 -3.03
N GLY B 26 27.02 15.99 -3.37
CA GLY B 26 25.95 15.78 -4.32
C GLY B 26 24.61 15.44 -3.71
N PHE B 27 24.44 15.56 -2.40
CA PHE B 27 23.16 15.28 -1.78
C PHE B 27 23.16 15.86 -0.37
N THR B 28 21.97 15.93 0.23
CA THR B 28 21.81 16.41 1.59
C THR B 28 22.30 15.32 2.54
N PHE B 29 23.48 15.53 3.11
CA PHE B 29 24.11 14.48 3.91
C PHE B 29 23.28 14.13 5.14
N SER B 30 22.49 15.07 5.66
CA SER B 30 21.81 14.87 6.92
C SER B 30 20.56 14.00 6.80
N ASN B 31 19.97 13.89 5.61
CA ASN B 31 18.72 13.16 5.45
C ASN B 31 18.92 11.67 5.21
N TYR B 32 20.16 11.18 5.27
CA TYR B 32 20.47 9.81 4.92
C TYR B 32 21.16 9.09 6.06
N LYS B 33 20.99 7.78 6.09
CA LYS B 33 21.70 6.89 7.02
C LYS B 33 22.94 6.36 6.33
N MET B 34 24.07 6.43 7.00
CA MET B 34 25.36 6.09 6.41
C MET B 34 25.86 4.75 6.94
N ASN B 35 26.73 4.11 6.15
CA ASN B 35 27.26 2.80 6.49
C ASN B 35 28.73 2.70 6.11
N TRP B 36 29.46 1.87 6.85
CA TRP B 36 30.80 1.45 6.51
C TRP B 36 30.76 -0.03 6.15
N VAL B 37 31.28 -0.37 4.97
CA VAL B 37 31.34 -1.74 4.49
C VAL B 37 32.80 -2.06 4.20
N ARG B 38 33.12 -3.35 4.09
CA ARG B 38 34.48 -3.74 3.77
C ARG B 38 34.48 -5.02 2.94
N GLN B 39 35.55 -5.20 2.18
CA GLN B 39 35.77 -6.39 1.38
C GLN B 39 37.21 -6.84 1.56
N ALA B 40 37.40 -8.06 2.01
CA ALA B 40 38.72 -8.63 2.26
C ALA B 40 39.20 -9.44 1.06
N PRO B 41 40.50 -9.73 0.99
CA PRO B 41 41.01 -10.51 -0.14
C PRO B 41 40.31 -11.87 -0.23
N GLY B 42 39.78 -12.16 -1.42
CA GLY B 42 39.09 -13.41 -1.64
C GLY B 42 37.87 -13.57 -0.75
N LYS B 43 37.03 -12.54 -0.70
CA LYS B 43 35.83 -12.56 0.13
C LYS B 43 34.82 -11.60 -0.49
N GLY B 44 33.58 -11.70 -0.01
CA GLY B 44 32.53 -10.82 -0.45
C GLY B 44 32.42 -9.56 0.40
N LEU B 45 31.55 -8.65 -0.04
CA LEU B 45 31.33 -7.43 0.70
C LEU B 45 30.61 -7.74 2.01
N GLU B 46 31.16 -7.23 3.11
CA GLU B 46 30.63 -7.49 4.45
C GLU B 46 30.31 -6.17 5.13
N TRP B 47 29.08 -6.03 5.59
CA TRP B 47 28.68 -4.82 6.31
C TRP B 47 29.44 -4.71 7.62
N VAL B 48 29.95 -3.51 7.91
CA VAL B 48 30.75 -3.25 9.11
C VAL B 48 29.97 -2.47 10.14
N SER B 49 29.49 -1.28 9.79
CA SER B 49 28.84 -0.42 10.77
C SER B 49 27.83 0.49 10.08
N ASP B 50 26.98 1.12 10.88
CA ASP B 50 26.01 2.06 10.34
C ASP B 50 25.64 3.09 11.40
N ILE B 51 25.30 4.28 10.93
CA ILE B 51 24.92 5.40 11.78
C ILE B 51 23.74 6.13 11.14
N SER B 52 22.81 6.58 11.97
CA SER B 52 21.56 7.17 11.51
C SER B 52 21.74 8.65 11.19
N GLN B 53 20.63 9.29 10.80
CA GLN B 53 20.68 10.68 10.36
C GLN B 53 21.20 11.60 11.46
N SER B 54 20.51 11.61 12.60
CA SER B 54 20.90 12.49 13.69
C SER B 54 22.29 12.14 14.20
N GLY B 55 22.56 10.85 14.39
CA GLY B 55 23.82 10.40 14.94
C GLY B 55 23.65 9.72 16.28
N ALA B 56 22.41 9.42 16.63
CA ALA B 56 22.11 8.76 17.90
C ALA B 56 22.19 7.24 17.77
N SER B 57 21.42 6.67 16.86
CA SER B 57 21.44 5.23 16.65
C SER B 57 22.70 4.82 15.92
N ILE B 58 23.48 3.94 16.55
CA ILE B 58 24.72 3.43 15.98
C ILE B 58 24.70 1.91 16.09
N SER B 59 25.20 1.24 15.06
CA SER B 59 25.24 -0.22 15.07
C SER B 59 26.56 -0.71 14.49
N TYR B 60 27.15 -1.70 15.15
CA TYR B 60 28.40 -2.32 14.72
C TYR B 60 28.17 -3.80 14.48
N THR B 61 29.10 -4.40 13.73
CA THR B 61 29.19 -5.85 13.64
C THR B 61 29.96 -6.39 14.83
N GLY B 62 29.56 -7.57 15.30
CA GLY B 62 30.16 -8.12 16.50
C GLY B 62 31.67 -8.21 16.44
N SER B 63 32.22 -8.41 15.24
CA SER B 63 33.66 -8.59 15.11
C SER B 63 34.45 -7.34 15.49
N VAL B 64 33.82 -6.17 15.47
CA VAL B 64 34.50 -4.91 15.70
C VAL B 64 33.99 -4.17 16.92
N LYS B 65 32.99 -4.72 17.62
CA LYS B 65 32.44 -4.03 18.78
C LYS B 65 33.51 -3.82 19.84
N GLY B 66 33.57 -2.61 20.40
CA GLY B 66 34.57 -2.25 21.37
C GLY B 66 35.84 -1.71 20.80
N ARG B 67 36.04 -1.80 19.48
CA ARG B 67 37.25 -1.31 18.82
C ARG B 67 36.98 -0.17 17.86
N PHE B 68 35.94 -0.26 17.05
CA PHE B 68 35.63 0.73 16.03
C PHE B 68 34.59 1.71 16.54
N THR B 69 34.70 2.95 16.09
CA THR B 69 33.77 4.01 16.47
C THR B 69 33.39 4.80 15.23
N ILE B 70 32.09 4.87 14.96
CA ILE B 70 31.56 5.61 13.82
C ILE B 70 31.12 6.98 14.27
N SER B 71 31.42 8.00 13.47
CA SER B 71 31.09 9.38 13.79
C SER B 71 30.58 10.07 12.53
N ARG B 72 29.76 11.09 12.74
CA ARG B 72 29.13 11.82 11.63
C ARG B 72 29.18 13.30 11.95
N ASP B 73 29.83 14.08 11.10
CA ASP B 73 29.86 15.54 11.22
C ASP B 73 29.04 16.11 10.07
N ASN B 74 27.80 16.51 10.38
CA ASN B 74 26.89 17.00 9.36
C ASN B 74 27.22 18.41 8.91
N ALA B 75 27.92 19.19 9.74
CA ALA B 75 28.33 20.52 9.31
C ALA B 75 29.29 20.45 8.13
N LYS B 76 30.20 19.49 8.16
CA LYS B 76 31.18 19.31 7.09
C LYS B 76 30.81 18.15 6.15
N ASN B 77 29.68 17.51 6.36
CA ASN B 77 29.21 16.42 5.49
C ASN B 77 30.24 15.30 5.43
N THR B 78 30.73 14.90 6.61
CA THR B 78 31.81 13.93 6.70
C THR B 78 31.41 12.76 7.58
N LEU B 79 31.90 11.57 7.21
CA LEU B 79 31.77 10.38 8.03
C LEU B 79 33.17 9.97 8.50
N TYR B 80 33.24 9.41 9.70
CA TYR B 80 34.50 9.01 10.30
C TYR B 80 34.39 7.61 10.86
N LEU B 81 35.44 6.82 10.68
CA LEU B 81 35.59 5.52 11.33
C LEU B 81 36.92 5.50 12.05
N GLN B 82 36.89 5.59 13.37
CA GLN B 82 38.09 5.50 14.20
C GLN B 82 38.29 4.06 14.60
N MET B 83 39.40 3.46 14.17
CA MET B 83 39.73 2.08 14.45
C MET B 83 40.88 2.03 15.44
N ASN B 84 40.71 1.26 16.51
CA ASN B 84 41.73 1.05 17.52
C ASN B 84 41.94 -0.44 17.72
N SER B 85 43.17 -0.80 18.12
CA SER B 85 43.54 -2.18 18.34
C SER B 85 43.24 -3.03 17.10
N LEU B 86 43.88 -2.66 16.01
CA LEU B 86 43.65 -3.32 14.73
C LEU B 86 44.33 -4.68 14.71
N LYS B 87 43.64 -5.67 14.16
CA LYS B 87 44.13 -7.03 14.03
C LYS B 87 44.40 -7.36 12.57
N PRO B 88 45.23 -8.38 12.30
CA PRO B 88 45.48 -8.77 10.90
C PRO B 88 44.23 -9.16 10.16
N GLU B 89 43.14 -9.48 10.84
CA GLU B 89 41.90 -9.87 10.18
C GLU B 89 41.11 -8.69 9.66
N ASP B 90 41.61 -7.47 9.80
CA ASP B 90 40.94 -6.28 9.30
C ASP B 90 41.49 -5.80 7.97
N THR B 91 42.56 -6.42 7.47
CA THR B 91 43.11 -6.04 6.18
C THR B 91 42.05 -6.16 5.10
N ALA B 92 41.70 -5.04 4.47
CA ALA B 92 40.63 -5.05 3.48
C ALA B 92 40.47 -3.68 2.84
N VAL B 93 39.58 -3.59 1.84
CA VAL B 93 39.18 -2.32 1.25
C VAL B 93 37.89 -1.88 1.92
N TYR B 94 37.89 -0.67 2.47
CA TYR B 94 36.74 -0.12 3.18
C TYR B 94 36.01 0.87 2.30
N TYR B 95 34.69 0.74 2.24
CA TYR B 95 33.82 1.59 1.43
C TYR B 95 32.85 2.33 2.33
N CYS B 96 32.53 3.56 1.90
CA CYS B 96 31.57 4.43 2.58
C CYS B 96 30.28 4.42 1.75
N ALA B 97 29.23 3.82 2.30
CA ALA B 97 27.98 3.62 1.58
C ALA B 97 26.87 4.48 2.14
N ARG B 98 25.95 4.87 1.26
CA ARG B 98 24.79 5.67 1.62
C ARG B 98 23.53 4.87 1.33
N CYS B 99 22.56 4.94 2.23
CA CYS B 99 21.30 4.24 2.01
C CYS B 99 20.64 4.79 0.74
N PRO B 100 19.82 3.98 0.07
CA PRO B 100 19.28 4.42 -1.23
C PRO B 100 18.35 5.62 -1.13
N ALA B 101 17.40 5.60 -0.20
CA ALA B 101 16.42 6.67 -0.11
C ALA B 101 16.55 7.44 1.20
N PRO B 102 16.13 8.69 1.23
CA PRO B 102 16.17 9.47 2.47
C PRO B 102 14.93 9.27 3.32
N PHE B 103 15.04 9.70 4.58
CA PHE B 103 13.94 9.63 5.55
C PHE B 103 13.35 8.23 5.61
N THR B 104 14.22 7.26 5.92
CA THR B 104 13.79 5.86 5.98
C THR B 104 14.69 5.11 6.94
N ARG B 105 14.12 4.09 7.58
CA ARG B 105 14.88 3.23 8.49
C ARG B 105 15.45 2.01 7.80
N ASP B 106 14.89 1.60 6.67
CA ASP B 106 15.38 0.43 5.93
C ASP B 106 16.51 0.85 5.01
N CYS B 107 17.56 0.02 4.97
CA CYS B 107 18.73 0.26 4.11
C CYS B 107 18.95 -1.01 3.28
N PHE B 108 18.58 -0.95 2.01
CA PHE B 108 18.64 -2.09 1.12
C PHE B 108 19.86 -1.99 0.21
N ASP B 109 20.48 -3.14 -0.07
CA ASP B 109 21.41 -3.32 -1.18
C ASP B 109 22.73 -2.58 -1.00
N VAL B 110 23.11 -2.23 0.23
CA VAL B 110 24.39 -1.55 0.43
C VAL B 110 25.57 -2.48 0.20
N THR B 111 25.34 -3.78 0.07
CA THR B 111 26.41 -4.74 -0.18
C THR B 111 26.07 -5.60 -1.39
N SER B 112 25.63 -4.98 -2.48
CA SER B 112 25.09 -5.71 -3.63
C SER B 112 26.13 -6.02 -4.70
N THR B 113 27.38 -5.57 -4.55
CA THR B 113 28.48 -5.74 -5.49
C THR B 113 28.36 -4.79 -6.68
N THR B 114 27.25 -4.07 -6.84
CA THR B 114 27.14 -3.07 -7.89
C THR B 114 26.35 -1.85 -7.42
N TYR B 115 26.26 -1.65 -6.10
CA TYR B 115 25.54 -0.51 -5.56
C TYR B 115 26.10 0.79 -6.14
N ALA B 116 25.20 1.72 -6.46
CA ALA B 116 25.59 2.94 -7.15
C ALA B 116 26.06 4.02 -6.18
N TYR B 117 25.57 4.01 -4.95
CA TYR B 117 25.86 5.07 -3.98
C TYR B 117 26.96 4.66 -3.00
N ARG B 118 27.95 3.92 -3.48
CA ARG B 118 29.10 3.49 -2.71
C ARG B 118 30.37 4.02 -3.36
N GLY B 119 31.33 4.42 -2.53
CA GLY B 119 32.57 4.99 -3.03
C GLY B 119 33.55 3.94 -3.53
N GLN B 120 34.74 4.41 -3.89
CA GLN B 120 35.78 3.53 -4.38
C GLN B 120 36.50 2.80 -3.24
N GLY B 121 36.60 3.43 -2.08
CA GLY B 121 37.14 2.78 -0.91
C GLY B 121 38.64 3.01 -0.73
N THR B 122 39.11 2.71 0.47
CA THR B 122 40.51 2.85 0.83
C THR B 122 41.06 1.52 1.33
N GLN B 123 42.33 1.27 1.04
CA GLN B 123 42.98 0.03 1.45
C GLN B 123 43.51 0.15 2.87
N VAL B 124 43.39 -0.94 3.63
CA VAL B 124 43.96 -1.03 4.97
C VAL B 124 44.68 -2.37 5.06
N THR B 125 45.94 -2.33 5.49
CA THR B 125 46.77 -3.52 5.59
C THR B 125 47.43 -3.55 6.96
N VAL B 126 47.14 -4.58 7.74
CA VAL B 126 47.70 -4.76 9.08
C VAL B 126 48.69 -5.91 8.99
N SER B 127 49.97 -5.60 9.19
CA SER B 127 51.02 -6.60 9.07
C SER B 127 52.26 -6.08 9.78
N SER B 128 53.35 -6.82 9.64
CA SER B 128 54.61 -6.45 10.27
C SER B 128 55.10 -5.10 9.75
N GLU C 19 -25.14 -1.13 -31.27
CA GLU C 19 -23.82 -1.52 -30.81
C GLU C 19 -23.69 -1.35 -29.30
N GLU C 20 -24.44 -0.39 -28.73
CA GLU C 20 -24.43 -0.23 -27.28
C GLU C 20 -24.97 -1.47 -26.58
N LYS C 21 -25.96 -2.13 -27.17
CA LYS C 21 -26.46 -3.37 -26.60
C LYS C 21 -25.41 -4.47 -26.66
N GLY C 22 -24.67 -4.54 -27.77
CA GLY C 22 -23.57 -5.49 -27.84
C GLY C 22 -22.50 -5.22 -26.81
N GLN C 23 -22.18 -3.94 -26.59
CA GLN C 23 -21.22 -3.60 -25.54
C GLN C 23 -21.74 -4.00 -24.18
N ARG C 24 -23.03 -3.80 -23.91
CA ARG C 24 -23.59 -4.20 -22.63
C ARG C 24 -23.54 -5.71 -22.46
N GLU C 25 -23.81 -6.46 -23.53
CA GLU C 25 -23.75 -7.92 -23.43
C GLU C 25 -22.32 -8.39 -23.17
N ALA C 26 -21.36 -7.84 -23.91
CA ALA C 26 -19.96 -8.18 -23.67
C ALA C 26 -19.56 -7.84 -22.24
N ASN C 27 -20.02 -6.70 -21.73
CA ASN C 27 -19.70 -6.31 -20.37
C ASN C 27 -20.31 -7.29 -19.37
N LYS C 28 -21.54 -7.73 -19.62
CA LYS C 28 -22.18 -8.70 -18.73
C LYS C 28 -21.40 -10.01 -18.70
N LYS C 29 -21.00 -10.50 -19.87
CA LYS C 29 -20.21 -11.73 -19.93
C LYS C 29 -18.89 -11.57 -19.18
N ILE C 30 -18.18 -10.46 -19.45
CA ILE C 30 -16.90 -10.24 -18.80
C ILE C 30 -17.08 -10.12 -17.29
N GLU C 31 -18.20 -9.56 -16.85
CA GLU C 31 -18.42 -9.39 -15.42
C GLU C 31 -18.78 -10.70 -14.74
N LYS C 32 -19.51 -11.59 -15.42
CA LYS C 32 -19.71 -12.93 -14.89
C LYS C 32 -18.36 -13.64 -14.72
N GLN C 33 -17.54 -13.60 -15.77
CA GLN C 33 -16.22 -14.22 -15.68
C GLN C 33 -15.40 -13.60 -14.56
N LEU C 34 -15.49 -12.28 -14.37
CA LEU C 34 -14.71 -11.61 -13.34
C LEU C 34 -15.23 -11.94 -11.96
N GLN C 35 -16.54 -12.17 -11.81
CA GLN C 35 -17.06 -12.62 -10.51
C GLN C 35 -16.51 -13.99 -10.17
N LYS C 36 -16.51 -14.90 -11.15
CA LYS C 36 -15.90 -16.21 -10.92
C LYS C 36 -14.43 -16.06 -10.53
N ASP C 37 -13.70 -15.22 -11.25
CA ASP C 37 -12.28 -15.04 -10.97
C ASP C 37 -12.05 -14.41 -9.61
N LYS C 38 -12.94 -13.52 -9.18
CA LYS C 38 -12.82 -12.91 -7.86
C LYS C 38 -13.03 -13.94 -6.77
N GLN C 39 -14.08 -14.76 -6.91
CA GLN C 39 -14.32 -15.79 -5.91
C GLN C 39 -13.18 -16.80 -5.87
N VAL C 40 -12.52 -17.04 -7.01
CA VAL C 40 -11.40 -17.97 -7.00
C VAL C 40 -10.12 -17.30 -6.47
N TYR C 41 -10.03 -15.97 -6.56
CA TYR C 41 -8.80 -15.28 -6.17
C TYR C 41 -8.73 -15.07 -4.67
N ARG C 42 -9.88 -14.85 -4.01
CA ARG C 42 -9.88 -14.66 -2.57
C ARG C 42 -9.67 -15.95 -1.81
N ALA C 43 -9.87 -17.10 -2.44
CA ALA C 43 -9.73 -18.40 -1.79
C ALA C 43 -8.32 -18.95 -1.89
N THR C 44 -7.35 -18.13 -2.28
CA THR C 44 -5.96 -18.56 -2.41
C THR C 44 -5.07 -17.61 -1.63
N HIS C 45 -3.97 -18.13 -1.12
CA HIS C 45 -3.04 -17.37 -0.29
C HIS C 45 -1.65 -17.42 -0.91
N ARG C 46 -1.05 -16.25 -1.08
CA ARG C 46 0.24 -16.12 -1.77
C ARG C 46 1.35 -15.93 -0.74
N LEU C 47 2.40 -16.73 -0.86
CA LEU C 47 3.54 -16.68 0.05
C LEU C 47 4.79 -16.29 -0.73
N LEU C 48 5.65 -15.48 -0.12
CA LEU C 48 6.90 -15.05 -0.74
C LEU C 48 8.06 -15.80 -0.09
N LEU C 49 8.66 -16.71 -0.85
CA LEU C 49 9.83 -17.44 -0.36
C LEU C 49 11.08 -16.60 -0.58
N LEU C 50 11.90 -16.46 0.47
CA LEU C 50 13.09 -15.61 0.40
C LEU C 50 14.22 -16.28 1.16
N GLY C 51 15.33 -16.54 0.49
CA GLY C 51 16.48 -17.15 1.10
C GLY C 51 16.54 -18.66 0.86
N SER C 195 11.37 -18.18 -16.14
CA SER C 195 12.64 -18.29 -15.42
C SER C 195 12.80 -17.14 -14.43
N GLY C 196 12.01 -16.08 -14.61
CA GLY C 196 12.08 -14.94 -13.70
C GLY C 196 11.55 -15.26 -12.32
N ILE C 197 10.51 -16.09 -12.24
CA ILE C 197 9.94 -16.52 -10.96
C ILE C 197 9.61 -18.00 -11.06
N PHE C 198 9.56 -18.64 -9.90
CA PHE C 198 9.25 -20.07 -9.81
C PHE C 198 8.05 -20.25 -8.90
N GLU C 199 6.99 -20.85 -9.44
CA GLU C 199 5.76 -21.05 -8.70
C GLU C 199 5.74 -22.44 -8.06
N THR C 200 5.00 -22.56 -6.97
CA THR C 200 4.78 -23.84 -6.31
C THR C 200 3.41 -23.81 -5.67
N LYS C 201 2.48 -24.59 -6.20
CA LYS C 201 1.12 -24.64 -5.68
C LYS C 201 0.94 -25.91 -4.86
N PHE C 202 0.38 -25.76 -3.66
CA PHE C 202 0.05 -26.91 -2.83
C PHE C 202 -1.28 -26.67 -2.14
N GLN C 203 -1.75 -27.69 -1.42
CA GLN C 203 -3.06 -27.65 -0.79
C GLN C 203 -2.99 -28.35 0.55
N VAL C 204 -3.49 -27.68 1.59
CA VAL C 204 -3.55 -28.22 2.94
C VAL C 204 -4.96 -28.02 3.46
N ASP C 205 -5.63 -29.12 3.78
CA ASP C 205 -7.01 -29.07 4.29
C ASP C 205 -7.92 -28.30 3.33
N LYS C 206 -7.79 -28.58 2.05
CA LYS C 206 -8.57 -27.96 0.98
C LYS C 206 -8.30 -26.47 0.86
N VAL C 207 -7.26 -25.95 1.50
CA VAL C 207 -6.87 -24.56 1.38
C VAL C 207 -5.67 -24.50 0.44
N ASN C 208 -5.78 -23.70 -0.61
CA ASN C 208 -4.75 -23.63 -1.64
C ASN C 208 -3.73 -22.55 -1.31
N PHE C 209 -2.46 -22.85 -1.59
CA PHE C 209 -1.36 -21.93 -1.34
C PHE C 209 -0.47 -21.88 -2.58
N HIS C 210 -0.05 -20.66 -2.94
CA HIS C 210 0.90 -20.43 -4.02
C HIS C 210 2.14 -19.77 -3.43
N MET C 211 3.27 -20.46 -3.48
CA MET C 211 4.55 -19.92 -3.03
C MET C 211 5.37 -19.54 -4.26
N PHE C 212 6.12 -18.43 -4.13
CA PHE C 212 6.86 -17.87 -5.25
C PHE C 212 8.30 -17.66 -4.85
N ASP C 213 9.22 -18.33 -5.54
CA ASP C 213 10.65 -18.15 -5.37
C ASP C 213 11.15 -17.21 -6.45
N VAL C 214 11.73 -16.08 -6.04
CA VAL C 214 12.14 -15.03 -6.96
C VAL C 214 13.61 -15.27 -7.28
N GLY C 215 13.86 -16.07 -8.32
CA GLY C 215 15.18 -16.20 -8.89
C GLY C 215 15.33 -15.35 -10.14
N GLY C 216 16.47 -15.54 -10.80
CA GLY C 216 16.71 -14.79 -12.02
C GLY C 216 16.73 -13.29 -11.85
N GLN C 217 17.01 -12.81 -10.64
CA GLN C 217 17.22 -11.40 -10.37
C GLN C 217 18.67 -11.17 -9.97
N ARG C 218 19.05 -9.91 -9.89
CA ARG C 218 20.44 -9.51 -9.69
C ARG C 218 20.66 -8.87 -8.32
N ASP C 219 20.10 -9.48 -7.28
CA ASP C 219 20.47 -9.24 -5.89
C ASP C 219 20.31 -7.80 -5.45
N GLU C 220 19.62 -6.98 -6.24
CA GLU C 220 19.18 -5.67 -5.82
C GLU C 220 17.65 -5.74 -5.68
N ARG C 221 17.19 -5.88 -4.44
CA ARG C 221 15.79 -6.19 -4.17
C ARG C 221 14.93 -4.98 -3.86
N ARG C 222 15.52 -3.80 -3.68
CA ARG C 222 14.75 -2.67 -3.16
C ARG C 222 13.63 -2.21 -4.08
N LYS C 223 13.53 -2.77 -5.28
CA LYS C 223 12.49 -2.39 -6.23
C LYS C 223 11.46 -3.48 -6.47
N TRP C 224 11.90 -4.70 -6.79
CA TRP C 224 10.95 -5.76 -7.07
C TRP C 224 10.36 -6.39 -5.81
N ILE C 225 10.89 -6.05 -4.63
CA ILE C 225 10.30 -6.56 -3.39
C ILE C 225 8.93 -5.94 -3.16
N GLN C 226 8.75 -4.68 -3.57
CA GLN C 226 7.49 -3.99 -3.36
C GLN C 226 6.32 -4.72 -3.99
N CYS C 227 6.57 -5.55 -5.00
CA CYS C 227 5.49 -6.30 -5.63
C CYS C 227 4.77 -7.20 -4.64
N PHE C 228 5.40 -7.56 -3.53
CA PHE C 228 4.81 -8.46 -2.55
C PHE C 228 4.25 -7.72 -1.35
N ASN C 229 3.70 -6.53 -1.59
CA ASN C 229 3.13 -5.71 -0.53
C ASN C 229 1.91 -6.35 0.14
N ASP C 230 1.24 -7.28 -0.54
CA ASP C 230 -0.03 -7.82 -0.05
C ASP C 230 -0.02 -9.34 0.06
N VAL C 231 1.15 -9.96 0.14
CA VAL C 231 1.18 -11.40 0.36
C VAL C 231 0.72 -11.70 1.78
N THR C 232 0.34 -12.97 2.00
CA THR C 232 -0.07 -13.38 3.34
C THR C 232 1.11 -13.62 4.27
N ALA C 233 2.28 -13.93 3.73
CA ALA C 233 3.45 -14.13 4.58
C ALA C 233 4.70 -14.23 3.72
N ILE C 234 5.84 -13.90 4.34
CA ILE C 234 7.15 -14.06 3.75
C ILE C 234 7.85 -15.18 4.52
N ILE C 235 8.20 -16.25 3.81
CA ILE C 235 8.93 -17.37 4.38
C ILE C 235 10.43 -17.08 4.23
N PHE C 236 11.07 -16.74 5.35
CA PHE C 236 12.46 -16.33 5.37
C PHE C 236 13.32 -17.52 5.80
N VAL C 237 14.09 -18.06 4.86
CA VAL C 237 14.92 -19.23 5.12
C VAL C 237 16.34 -18.76 5.41
N VAL C 238 16.90 -19.24 6.52
CA VAL C 238 18.23 -18.84 6.97
C VAL C 238 19.01 -20.09 7.34
N ALA C 239 20.29 -20.12 6.98
CA ALA C 239 21.18 -21.22 7.34
C ALA C 239 21.79 -20.93 8.70
N SER C 240 21.48 -21.76 9.70
CA SER C 240 22.00 -21.52 11.04
C SER C 240 23.52 -21.58 11.07
N SER C 241 24.12 -22.33 10.14
CA SER C 241 25.58 -22.39 10.08
C SER C 241 26.15 -21.20 9.33
N SER C 242 25.42 -20.68 8.35
CA SER C 242 25.88 -19.55 7.55
C SER C 242 24.72 -18.66 7.17
N ASN C 251 37.97 -18.32 3.69
CA ASN C 251 37.19 -17.26 3.04
C ASN C 251 35.73 -17.31 3.47
N GLN C 252 35.51 -17.62 4.76
CA GLN C 252 34.17 -17.73 5.31
C GLN C 252 33.72 -16.36 5.81
N THR C 253 32.70 -15.80 5.19
CA THR C 253 32.14 -14.51 5.58
C THR C 253 30.97 -14.70 6.53
N ASN C 254 30.68 -13.64 7.29
CA ASN C 254 29.60 -13.68 8.28
C ASN C 254 28.27 -13.53 7.56
N ARG C 255 27.70 -14.66 7.14
CA ARG C 255 26.43 -14.65 6.44
C ARG C 255 25.25 -14.52 7.40
N LEU C 256 25.42 -14.89 8.66
CA LEU C 256 24.34 -14.72 9.63
C LEU C 256 24.03 -13.24 9.84
N GLN C 257 25.07 -12.41 9.92
CA GLN C 257 24.84 -10.97 10.05
C GLN C 257 24.19 -10.41 8.79
N GLU C 258 24.54 -10.94 7.62
CA GLU C 258 23.89 -10.51 6.39
C GLU C 258 22.40 -10.85 6.42
N ALA C 259 22.06 -12.05 6.88
CA ALA C 259 20.65 -12.42 7.00
C ALA C 259 19.95 -11.53 8.02
N LEU C 260 20.62 -11.21 9.13
CA LEU C 260 20.03 -10.32 10.12
C LEU C 260 19.75 -8.95 9.53
N ASN C 261 20.68 -8.42 8.74
CA ASN C 261 20.49 -7.11 8.14
C ASN C 261 19.36 -7.12 7.12
N LEU C 262 19.28 -8.20 6.32
CA LEU C 262 18.18 -8.31 5.37
C LEU C 262 16.84 -8.38 6.08
N PHE C 263 16.76 -9.18 7.16
CA PHE C 263 15.53 -9.25 7.94
C PHE C 263 15.17 -7.90 8.53
N LYS C 264 16.16 -7.17 9.02
CA LYS C 264 15.89 -5.86 9.60
C LYS C 264 15.37 -4.88 8.54
N SER C 265 15.96 -4.91 7.34
CA SER C 265 15.51 -4.02 6.28
C SER C 265 14.10 -4.38 5.82
N ILE C 266 13.79 -5.67 5.78
CA ILE C 266 12.44 -6.10 5.39
C ILE C 266 11.43 -5.71 6.46
N TRP C 267 11.83 -5.80 7.73
CA TRP C 267 10.89 -5.57 8.83
C TRP C 267 10.50 -4.10 8.94
N ASN C 268 11.34 -3.19 8.45
CA ASN C 268 11.12 -1.76 8.61
C ASN C 268 10.82 -1.06 7.30
N ASN C 269 10.51 -1.80 6.24
CA ASN C 269 10.12 -1.21 4.97
C ASN C 269 8.66 -0.78 5.03
N ARG C 270 8.39 0.46 4.61
CA ARG C 270 7.03 0.99 4.78
C ARG C 270 6.01 0.22 3.96
N TRP C 271 6.44 -0.45 2.89
CA TRP C 271 5.53 -1.24 2.07
C TRP C 271 5.42 -2.69 2.54
N LEU C 272 6.09 -3.05 3.65
CA LEU C 272 6.01 -4.38 4.21
C LEU C 272 5.77 -4.35 5.72
N ARG C 273 5.39 -3.20 6.27
CA ARG C 273 5.22 -3.06 7.71
C ARG C 273 4.05 -3.85 8.27
N THR C 274 3.24 -4.46 7.41
CA THR C 274 2.10 -5.26 7.86
C THR C 274 2.24 -6.73 7.50
N ILE C 275 3.37 -7.15 6.92
CA ILE C 275 3.58 -8.51 6.50
C ILE C 275 4.31 -9.27 7.60
N SER C 276 3.74 -10.40 8.01
CA SER C 276 4.40 -11.25 8.98
C SER C 276 5.42 -12.14 8.28
N VAL C 277 6.47 -12.51 9.01
CA VAL C 277 7.58 -13.28 8.48
C VAL C 277 7.63 -14.61 9.20
N ILE C 278 7.65 -15.69 8.43
CA ILE C 278 7.86 -17.03 8.96
C ILE C 278 9.34 -17.33 8.83
N LEU C 279 10.05 -17.37 9.95
CA LEU C 279 11.48 -17.58 9.97
C LEU C 279 11.79 -19.08 10.07
N PHE C 280 12.65 -19.56 9.19
CA PHE C 280 13.07 -20.96 9.18
C PHE C 280 14.58 -21.01 9.40
N LEU C 281 14.99 -21.51 10.57
CA LEU C 281 16.41 -21.68 10.88
C LEU C 281 16.82 -23.08 10.44
N ASN C 282 17.50 -23.16 9.30
CA ASN C 282 17.82 -24.42 8.66
C ASN C 282 19.22 -24.89 9.04
N LYS C 283 19.59 -26.07 8.54
CA LYS C 283 20.92 -26.63 8.71
C LYS C 283 21.33 -26.65 10.18
N GLN C 284 20.54 -27.38 10.97
CA GLN C 284 20.84 -27.53 12.39
C GLN C 284 21.93 -28.57 12.63
N ASP C 285 22.02 -29.58 11.77
CA ASP C 285 23.10 -30.58 11.91
C ASP C 285 24.45 -29.95 11.57
N LEU C 286 24.48 -29.06 10.59
CA LEU C 286 25.72 -28.34 10.28
C LEU C 286 26.19 -27.55 11.50
N LEU C 287 25.31 -26.72 12.07
CA LEU C 287 25.67 -25.97 13.27
C LEU C 287 26.05 -26.91 14.39
N ALA C 288 25.39 -28.06 14.50
CA ALA C 288 25.69 -29.01 15.56
C ALA C 288 27.12 -29.52 15.45
N GLU C 289 27.49 -30.02 14.28
CA GLU C 289 28.87 -30.47 14.08
C GLU C 289 29.85 -29.32 14.08
N LYS C 290 29.38 -28.07 13.95
CA LYS C 290 30.27 -26.93 13.96
C LYS C 290 30.63 -26.48 15.37
N VAL C 291 29.65 -26.52 16.30
CA VAL C 291 29.90 -25.99 17.64
C VAL C 291 31.10 -26.67 18.28
N LEU C 292 31.31 -27.95 18.00
CA LEU C 292 32.45 -28.68 18.54
C LEU C 292 33.61 -28.68 17.55
N LYS C 297 33.50 -20.66 16.83
CA LYS C 297 33.49 -19.86 15.61
C LYS C 297 32.28 -18.94 15.59
N ILE C 298 31.30 -19.24 16.45
CA ILE C 298 30.13 -18.37 16.54
C ILE C 298 30.36 -17.19 17.47
N GLU C 299 31.41 -17.24 18.29
CA GLU C 299 31.65 -16.17 19.25
C GLU C 299 32.55 -15.06 18.70
N ASP C 300 33.37 -15.36 17.70
CA ASP C 300 34.16 -14.29 17.08
C ASP C 300 33.24 -13.19 16.56
N TYR C 301 32.12 -13.56 15.97
CA TYR C 301 31.01 -12.64 15.76
C TYR C 301 30.06 -12.73 16.95
N PHE C 302 29.27 -11.69 17.13
CA PHE C 302 28.32 -11.65 18.24
C PHE C 302 29.05 -11.92 19.56
N PRO C 303 29.87 -10.98 20.03
CA PRO C 303 30.54 -11.19 21.32
C PRO C 303 29.59 -11.34 22.50
N GLU C 304 28.29 -11.11 22.30
CA GLU C 304 27.32 -11.28 23.38
C GLU C 304 27.02 -12.75 23.66
N PHE C 305 27.53 -13.67 22.83
CA PHE C 305 27.27 -15.08 23.06
C PHE C 305 27.92 -15.58 24.34
N ALA C 306 28.98 -14.90 24.80
CA ALA C 306 29.67 -15.32 26.01
C ALA C 306 28.86 -15.05 27.27
N ARG C 307 27.85 -14.17 27.19
CA ARG C 307 27.00 -13.86 28.33
C ARG C 307 25.58 -14.38 28.19
N TYR C 308 25.14 -14.66 26.97
CA TYR C 308 23.79 -15.18 26.76
C TYR C 308 23.62 -16.51 27.48
N THR C 309 22.40 -16.76 27.95
CA THR C 309 22.05 -17.99 28.64
C THR C 309 20.73 -18.52 28.10
N THR C 310 20.63 -19.85 27.99
CA THR C 310 19.42 -20.46 27.48
C THR C 310 18.22 -20.03 28.32
N PRO C 311 17.10 -19.64 27.70
CA PRO C 311 15.91 -19.28 28.46
C PRO C 311 15.11 -20.50 28.86
N ASP C 321 23.72 -31.85 23.13
CA ASP C 321 24.55 -31.01 24.00
C ASP C 321 23.89 -29.65 24.22
N PRO C 322 24.30 -28.93 25.27
CA PRO C 322 23.78 -27.57 25.47
C PRO C 322 24.33 -26.56 24.48
N ARG C 323 25.43 -26.88 23.78
CA ARG C 323 26.05 -25.89 22.89
C ARG C 323 25.13 -25.55 21.72
N VAL C 324 24.57 -26.56 21.08
CA VAL C 324 23.72 -26.31 19.91
C VAL C 324 22.45 -25.58 20.32
N THR C 325 21.86 -25.96 21.47
CA THR C 325 20.70 -25.24 21.96
C THR C 325 21.04 -23.78 22.23
N ARG C 326 22.15 -23.54 22.94
CA ARG C 326 22.62 -22.18 23.17
C ARG C 326 22.68 -21.40 21.86
N ALA C 327 23.38 -21.94 20.87
CA ALA C 327 23.61 -21.21 19.64
C ALA C 327 22.31 -20.94 18.89
N LYS C 328 21.49 -21.97 18.70
CA LYS C 328 20.27 -21.80 17.92
C LYS C 328 19.32 -20.84 18.61
N TYR C 329 19.17 -20.95 19.93
CA TYR C 329 18.27 -20.03 20.63
C TYR C 329 18.85 -18.63 20.67
N PHE C 330 20.19 -18.49 20.65
CA PHE C 330 20.79 -17.17 20.57
C PHE C 330 20.47 -16.51 19.24
N ILE C 331 20.56 -17.26 18.15
CA ILE C 331 20.22 -16.71 16.83
C ILE C 331 18.74 -16.35 16.78
N ARG C 332 17.88 -17.24 17.29
CA ARG C 332 16.45 -16.95 17.32
C ARG C 332 16.17 -15.70 18.13
N ASP C 333 16.90 -15.50 19.23
CA ASP C 333 16.68 -14.33 20.07
C ASP C 333 17.19 -13.06 19.39
N GLU C 334 18.27 -13.16 18.63
CA GLU C 334 18.70 -12.00 17.83
C GLU C 334 17.61 -11.59 16.85
N PHE C 335 17.05 -12.56 16.13
CA PHE C 335 15.98 -12.25 15.18
C PHE C 335 14.76 -11.67 15.90
N LEU C 336 14.38 -12.25 17.04
CA LEU C 336 13.23 -11.75 17.77
C LEU C 336 13.48 -10.37 18.36
N ARG C 337 14.73 -10.08 18.73
CA ARG C 337 15.07 -8.74 19.20
C ARG C 337 14.93 -7.73 18.07
N ILE C 338 15.34 -8.09 16.87
CA ILE C 338 15.12 -7.20 15.73
C ILE C 338 13.63 -7.01 15.48
N SER C 339 12.85 -8.08 15.64
CA SER C 339 11.44 -8.03 15.25
C SER C 339 10.58 -7.27 16.26
N THR C 340 10.86 -7.41 17.55
CA THR C 340 10.03 -6.83 18.59
C THR C 340 10.39 -5.38 18.90
N ALA C 341 11.17 -4.73 18.06
CA ALA C 341 11.52 -3.33 18.27
C ALA C 341 10.60 -2.38 17.52
N SER C 342 9.94 -2.85 16.45
CA SER C 342 9.04 -2.01 15.69
C SER C 342 7.77 -2.76 15.27
N GLY C 343 7.42 -3.83 15.97
CA GLY C 343 6.27 -4.63 15.55
C GLY C 343 5.02 -3.79 15.35
N ASP C 344 4.77 -2.86 16.26
CA ASP C 344 3.58 -2.01 16.24
C ASP C 344 2.29 -2.82 16.40
N GLY C 345 2.41 -4.11 16.70
CA GLY C 345 1.25 -4.97 16.81
C GLY C 345 0.64 -5.40 15.49
N ARG C 346 1.12 -4.88 14.37
CA ARG C 346 0.52 -5.19 13.07
C ARG C 346 1.07 -6.47 12.45
N HIS C 347 2.27 -6.89 12.84
CA HIS C 347 2.85 -8.10 12.27
C HIS C 347 3.76 -8.73 13.32
N TYR C 348 4.03 -10.03 13.13
CA TYR C 348 4.82 -10.80 14.07
C TYR C 348 5.78 -11.69 13.30
N CYS C 349 6.64 -12.37 14.05
CA CYS C 349 7.59 -13.33 13.50
C CYS C 349 7.32 -14.71 14.09
N TYR C 350 7.39 -15.74 13.26
CA TYR C 350 7.09 -17.11 13.65
C TYR C 350 8.31 -17.97 13.39
N PRO C 351 9.23 -18.08 14.34
CA PRO C 351 10.46 -18.83 14.11
C PRO C 351 10.28 -20.32 14.33
N HIS C 352 10.97 -21.11 13.50
CA HIS C 352 10.95 -22.56 13.61
C HIS C 352 12.34 -23.10 13.30
N PHE C 353 12.66 -24.24 13.89
CA PHE C 353 13.91 -24.94 13.63
C PHE C 353 13.65 -26.07 12.64
N THR C 354 14.41 -26.08 11.56
CA THR C 354 14.26 -27.10 10.53
C THR C 354 15.62 -27.65 10.09
N VAL C 357 12.56 -31.74 6.00
CA VAL C 357 11.30 -32.46 5.96
C VAL C 357 10.17 -31.50 5.63
N ASP C 358 9.51 -31.74 4.50
CA ASP C 358 8.45 -30.86 4.04
C ASP C 358 7.13 -31.05 4.80
N THR C 359 6.95 -32.19 5.47
CA THR C 359 5.68 -32.46 6.13
C THR C 359 5.35 -31.38 7.15
N GLU C 360 6.15 -31.30 8.21
CA GLU C 360 5.88 -30.30 9.25
C GLU C 360 6.20 -28.90 8.78
N ASN C 361 7.05 -28.73 7.78
CA ASN C 361 7.27 -27.39 7.22
C ASN C 361 5.97 -26.84 6.64
N ILE C 362 5.30 -27.64 5.81
CA ILE C 362 4.04 -27.21 5.23
C ILE C 362 2.97 -27.07 6.31
N ARG C 363 2.89 -28.03 7.22
CA ARG C 363 1.93 -27.91 8.31
C ARG C 363 2.15 -26.62 9.10
N ARG C 364 3.42 -26.27 9.34
CA ARG C 364 3.72 -25.06 10.11
C ARG C 364 3.36 -23.81 9.33
N VAL C 365 3.64 -23.78 8.04
CA VAL C 365 3.24 -22.62 7.24
C VAL C 365 1.73 -22.45 7.30
N PHE C 366 0.99 -23.56 7.22
CA PHE C 366 -0.47 -23.50 7.30
C PHE C 366 -0.92 -22.95 8.65
N ASN C 367 -0.39 -23.50 9.74
CA ASN C 367 -0.79 -23.05 11.06
C ASN C 367 -0.42 -21.59 11.30
N ASP C 368 0.74 -21.17 10.81
CA ASP C 368 1.17 -19.78 11.00
C ASP C 368 0.31 -18.82 10.19
N CYS C 369 -0.10 -19.23 8.99
CA CYS C 369 -1.01 -18.38 8.22
C CYS C 369 -2.37 -18.26 8.91
N ARG C 370 -2.86 -19.37 9.45
CA ARG C 370 -4.10 -19.32 10.24
C ARG C 370 -3.96 -18.35 11.40
N ASP C 371 -2.85 -18.44 12.13
CA ASP C 371 -2.62 -17.54 13.26
C ASP C 371 -2.52 -16.10 12.81
N ILE C 372 -1.90 -15.86 11.65
CA ILE C 372 -1.75 -14.50 11.15
C ILE C 372 -3.11 -13.88 10.86
N ILE C 373 -3.96 -14.64 10.16
CA ILE C 373 -5.30 -14.13 9.86
C ILE C 373 -6.08 -13.89 11.14
N GLN C 374 -6.01 -14.83 12.08
CA GLN C 374 -6.74 -14.68 13.33
C GLN C 374 -6.27 -13.45 14.10
N ARG C 375 -4.96 -13.22 14.14
CA ARG C 375 -4.44 -12.05 14.87
C ARG C 375 -4.83 -10.76 14.18
N MET C 376 -4.82 -10.74 12.84
CA MET C 376 -5.30 -9.56 12.13
C MET C 376 -6.73 -9.24 12.52
N HIS C 377 -7.61 -10.24 12.47
CA HIS C 377 -9.01 -10.00 12.80
C HIS C 377 -9.17 -9.57 14.25
N LEU C 378 -8.41 -10.19 15.16
CA LEU C 378 -8.52 -9.83 16.57
C LEU C 378 -8.08 -8.40 16.82
N ARG C 379 -6.97 -7.99 16.19
CA ARG C 379 -6.52 -6.60 16.32
C ARG C 379 -7.55 -5.64 15.75
N GLN C 380 -8.25 -6.06 14.69
CA GLN C 380 -9.27 -5.20 14.12
C GLN C 380 -10.42 -4.93 15.10
N TYR C 381 -10.74 -5.91 15.95
CA TYR C 381 -11.83 -5.79 16.90
C TYR C 381 -11.37 -5.23 18.25
N GLU C 382 -10.20 -4.61 18.31
CA GLU C 382 -9.69 -4.00 19.54
C GLU C 382 -9.55 -5.02 20.66
N LEU C 383 -9.26 -6.28 20.30
CA LEU C 383 -9.08 -7.33 21.29
C LEU C 383 -7.62 -7.66 21.56
N LEU C 384 -6.73 -7.36 20.63
CA LEU C 384 -5.30 -7.59 20.82
C LEU C 384 -4.55 -6.28 20.81
N SER D 8 40.12 -4.19 -16.87
CA SER D 8 40.11 -2.90 -16.20
C SER D 8 40.63 -1.79 -17.12
N ILE D 9 41.41 -2.19 -18.13
CA ILE D 9 41.97 -1.22 -19.06
C ILE D 9 40.96 -0.88 -20.14
N ALA D 10 40.24 -1.87 -20.67
CA ALA D 10 39.20 -1.59 -21.65
C ALA D 10 38.10 -0.73 -21.06
N GLN D 11 37.81 -0.91 -19.77
CA GLN D 11 36.87 -0.04 -19.08
C GLN D 11 37.24 1.42 -19.27
N ALA D 12 38.45 1.80 -18.84
CA ALA D 12 38.88 3.18 -18.97
C ALA D 12 38.95 3.61 -20.43
N ARG D 13 39.44 2.72 -21.30
CA ARG D 13 39.58 3.04 -22.71
C ARG D 13 38.25 3.48 -23.32
N LYS D 14 37.27 2.57 -23.35
CA LYS D 14 36.04 2.96 -24.02
C LYS D 14 35.12 3.77 -23.13
N LEU D 15 35.47 3.99 -21.85
CA LEU D 15 34.84 5.05 -21.08
C LEU D 15 35.29 6.41 -21.59
N VAL D 16 36.58 6.57 -21.84
CA VAL D 16 37.07 7.76 -22.51
C VAL D 16 36.40 7.91 -23.86
N GLU D 17 36.22 6.79 -24.58
CA GLU D 17 35.51 6.84 -25.86
C GLU D 17 34.09 7.37 -25.69
N GLN D 18 33.35 6.81 -24.72
CA GLN D 18 31.99 7.27 -24.47
C GLN D 18 31.96 8.76 -24.14
N LEU D 19 32.81 9.20 -23.21
CA LEU D 19 32.81 10.61 -22.84
C LEU D 19 33.24 11.50 -23.99
N LYS D 20 34.02 10.97 -24.94
CA LYS D 20 34.37 11.74 -26.12
C LYS D 20 33.17 11.84 -27.06
N MET D 21 32.39 10.76 -27.17
CA MET D 21 31.18 10.80 -27.98
C MET D 21 30.24 11.89 -27.48
N GLU D 22 30.07 11.99 -26.16
CA GLU D 22 29.21 13.00 -25.56
C GLU D 22 29.92 14.34 -25.38
N ALA D 23 31.17 14.48 -25.83
CA ALA D 23 31.86 15.75 -25.74
C ALA D 23 31.60 16.62 -26.96
N ASN D 24 31.68 16.02 -28.16
CA ASN D 24 31.45 16.74 -29.41
C ASN D 24 29.95 16.87 -29.61
N ILE D 25 29.38 17.93 -29.05
CA ILE D 25 27.95 18.19 -29.12
C ILE D 25 27.72 19.70 -29.09
N ASP D 26 26.95 20.21 -30.04
CA ASP D 26 26.62 21.62 -30.07
C ASP D 26 25.62 21.92 -28.96
N ARG D 27 26.04 22.70 -27.97
CA ARG D 27 25.20 23.06 -26.83
C ARG D 27 24.80 24.53 -26.96
N ILE D 28 23.49 24.78 -26.96
CA ILE D 28 22.96 26.14 -26.95
C ILE D 28 22.93 26.65 -25.52
N LYS D 29 22.71 27.95 -25.35
CA LYS D 29 22.62 28.54 -24.02
C LYS D 29 21.26 28.23 -23.41
N VAL D 30 21.26 28.11 -22.07
CA VAL D 30 20.02 27.74 -21.37
C VAL D 30 18.93 28.75 -21.63
N SER D 31 19.28 30.01 -21.87
CA SER D 31 18.27 31.01 -22.17
C SER D 31 17.50 30.64 -23.44
N LYS D 32 18.20 30.14 -24.45
CA LYS D 32 17.53 29.75 -25.69
C LYS D 32 16.57 28.59 -25.46
N ALA D 33 16.98 27.58 -24.69
CA ALA D 33 16.10 26.46 -24.42
C ALA D 33 14.89 26.89 -23.60
N ALA D 34 15.11 27.77 -22.62
CA ALA D 34 13.99 28.28 -21.84
C ALA D 34 13.00 29.03 -22.71
N ALA D 35 13.52 29.90 -23.58
CA ALA D 35 12.65 30.64 -24.49
C ALA D 35 11.88 29.69 -25.41
N ASP D 36 12.56 28.65 -25.90
CA ASP D 36 11.89 27.70 -26.79
C ASP D 36 10.75 27.00 -26.08
N LEU D 37 10.99 26.51 -24.86
CA LEU D 37 9.94 25.82 -24.13
C LEU D 37 8.80 26.76 -23.78
N MET D 38 9.12 28.01 -23.42
CA MET D 38 8.09 28.99 -23.10
C MET D 38 7.22 29.27 -24.33
N ALA D 39 7.85 29.55 -25.47
CA ALA D 39 7.10 29.84 -26.67
C ALA D 39 6.25 28.64 -27.10
N TYR D 40 6.77 27.43 -26.91
CA TYR D 40 5.97 26.25 -27.27
C TYR D 40 4.75 26.14 -26.37
N CYS D 41 4.96 26.14 -25.05
CA CYS D 41 3.84 26.09 -24.12
C CYS D 41 2.82 27.18 -24.42
N GLU D 42 3.28 28.34 -24.90
CA GLU D 42 2.35 29.43 -25.18
C GLU D 42 1.65 29.27 -26.52
N ALA D 43 2.24 28.55 -27.47
CA ALA D 43 1.66 28.42 -28.79
C ALA D 43 0.55 27.37 -28.84
N HIS D 44 0.59 26.39 -27.94
CA HIS D 44 -0.41 25.33 -27.89
C HIS D 44 -1.31 25.45 -26.66
N ALA D 45 -1.57 26.68 -26.21
CA ALA D 45 -2.35 26.88 -25.01
C ALA D 45 -3.83 26.62 -25.25
N LYS D 46 -4.38 27.14 -26.34
CA LYS D 46 -5.80 26.97 -26.63
C LYS D 46 -6.17 25.51 -26.87
N GLU D 47 -5.19 24.64 -27.09
CA GLU D 47 -5.44 23.24 -27.42
C GLU D 47 -5.28 22.32 -26.22
N ASP D 48 -5.24 22.87 -25.00
CA ASP D 48 -5.06 22.07 -23.80
C ASP D 48 -6.34 22.07 -22.97
N PRO D 49 -7.18 21.04 -23.09
CA PRO D 49 -8.45 21.05 -22.33
C PRO D 49 -8.25 21.12 -20.82
N LEU D 50 -7.25 20.42 -20.29
CA LEU D 50 -7.03 20.44 -18.84
C LEU D 50 -6.71 21.84 -18.35
N LEU D 51 -5.76 22.50 -19.00
CA LEU D 51 -5.42 23.86 -18.62
C LEU D 51 -6.57 24.81 -18.87
N THR D 52 -7.20 24.71 -20.05
CA THR D 52 -8.33 25.56 -20.43
C THR D 52 -9.61 24.74 -20.35
N PRO D 53 -10.40 24.86 -19.27
CA PRO D 53 -11.66 24.11 -19.21
C PRO D 53 -12.53 24.31 -20.45
N VAL D 54 -12.91 23.22 -21.09
CA VAL D 54 -13.75 23.26 -22.28
C VAL D 54 -15.21 23.15 -21.84
N PRO D 55 -16.15 23.81 -22.53
CA PRO D 55 -17.55 23.68 -22.15
C PRO D 55 -17.98 22.22 -22.08
N ALA D 56 -18.91 21.94 -21.16
CA ALA D 56 -19.33 20.57 -20.92
C ALA D 56 -19.94 19.93 -22.16
N SER D 57 -20.49 20.74 -23.07
CA SER D 57 -21.15 20.18 -24.24
C SER D 57 -20.21 19.32 -25.07
N GLU D 58 -18.94 19.71 -25.18
CA GLU D 58 -17.96 19.00 -25.97
C GLU D 58 -17.08 18.07 -25.16
N ASN D 59 -17.29 17.99 -23.84
CA ASN D 59 -16.51 17.10 -23.01
C ASN D 59 -17.12 15.71 -23.06
N PRO D 60 -16.41 14.69 -23.55
CA PRO D 60 -16.99 13.35 -23.64
C PRO D 60 -17.09 12.61 -22.32
N PHE D 61 -16.81 13.26 -21.20
CA PHE D 61 -16.90 12.64 -19.89
C PHE D 61 -17.99 13.24 -19.02
N ARG D 62 -18.76 14.20 -19.54
CA ARG D 62 -19.94 14.72 -18.85
C ARG D 62 -21.22 14.39 -19.62
N GLU D 63 -21.32 14.81 -20.88
CA GLU D 63 -22.47 14.47 -21.72
C GLU D 63 -21.97 14.17 -23.12
N LYS D 64 -22.77 13.44 -23.87
CA LYS D 64 -22.43 13.08 -25.25
C LYS D 64 -22.26 14.35 -26.11
N TRP E 203 -39.81 19.41 39.32
CA TRP E 203 -38.82 18.43 38.88
C TRP E 203 -39.09 17.93 37.48
N GLU E 204 -40.31 18.10 36.97
CA GLU E 204 -40.63 17.63 35.62
C GLU E 204 -39.71 18.27 34.58
N ALA E 205 -39.29 19.51 34.82
CA ALA E 205 -38.36 20.18 33.90
C ALA E 205 -37.08 19.37 33.74
N GLY E 206 -36.61 18.77 34.83
CA GLY E 206 -35.45 17.91 34.75
C GLY E 206 -35.68 16.73 33.83
N MET E 207 -36.88 16.13 33.92
CA MET E 207 -37.23 15.02 33.04
C MET E 207 -37.25 15.48 31.59
N SER E 208 -37.80 16.67 31.34
CA SER E 208 -37.84 17.20 29.98
C SER E 208 -36.42 17.38 29.43
N LEU E 209 -35.55 17.99 30.23
CA LEU E 209 -34.16 18.15 29.84
C LEU E 209 -33.51 16.81 29.54
N LEU E 210 -33.78 15.80 30.39
CA LEU E 210 -33.19 14.49 30.21
C LEU E 210 -33.64 13.86 28.90
N MET E 211 -34.94 13.91 28.61
CA MET E 211 -35.45 13.34 27.37
C MET E 211 -34.87 14.06 26.16
N ALA E 212 -34.82 15.40 26.23
CA ALA E 212 -34.24 16.17 25.13
C ALA E 212 -32.80 15.76 24.87
N LEU E 213 -32.01 15.63 25.94
CA LEU E 213 -30.60 15.28 25.78
C LEU E 213 -30.45 13.86 25.24
N VAL E 214 -31.33 12.96 25.65
CA VAL E 214 -31.26 11.58 25.14
C VAL E 214 -31.51 11.57 23.65
N VAL E 215 -32.56 12.27 23.21
CA VAL E 215 -32.88 12.38 21.79
C VAL E 215 -31.68 12.95 21.05
N LEU E 216 -31.13 14.04 21.58
CA LEU E 216 -30.01 14.72 20.96
C LEU E 216 -28.85 13.76 20.75
N LEU E 217 -28.45 13.06 21.81
CA LEU E 217 -27.32 12.14 21.72
C LEU E 217 -27.58 11.06 20.70
N ILE E 218 -28.73 10.39 20.79
CA ILE E 218 -29.04 9.29 19.87
C ILE E 218 -28.93 9.76 18.43
N VAL E 219 -29.69 10.81 18.09
CA VAL E 219 -29.68 11.32 16.73
C VAL E 219 -28.25 11.65 16.31
N ALA E 220 -27.65 12.64 16.98
CA ALA E 220 -26.31 13.09 16.61
C ALA E 220 -25.37 11.92 16.34
N GLY E 221 -25.28 10.98 17.27
CA GLY E 221 -24.37 9.87 17.12
C GLY E 221 -24.64 9.05 15.88
N ASN E 222 -25.89 8.64 15.70
CA ASN E 222 -26.19 7.75 14.57
C ASN E 222 -26.04 8.47 13.24
N VAL E 223 -26.42 9.75 13.19
CA VAL E 223 -26.23 10.54 11.98
C VAL E 223 -24.76 10.63 11.63
N LEU E 224 -23.92 10.85 12.65
CA LEU E 224 -22.48 10.91 12.42
C LEU E 224 -21.96 9.61 11.86
N VAL E 225 -22.39 8.49 12.46
CA VAL E 225 -21.93 7.18 11.99
C VAL E 225 -22.32 6.98 10.53
N ILE E 226 -23.57 7.30 10.20
CA ILE E 226 -24.05 7.10 8.83
C ILE E 226 -23.25 7.95 7.86
N ALA E 227 -23.09 9.23 8.18
CA ALA E 227 -22.36 10.12 7.28
C ALA E 227 -20.91 9.67 7.10
N ALA E 228 -20.28 9.21 8.18
CA ALA E 228 -18.90 8.75 8.10
C ALA E 228 -18.78 7.52 7.22
N ILE E 229 -19.66 6.53 7.40
CA ILE E 229 -19.59 5.31 6.59
C ILE E 229 -19.99 5.56 5.15
N GLY E 230 -20.79 6.60 4.87
CA GLY E 230 -21.24 6.84 3.52
C GLY E 230 -20.34 7.77 2.72
N SER E 231 -19.56 8.61 3.41
CA SER E 231 -18.72 9.58 2.72
C SER E 231 -17.34 9.02 2.40
N THR E 232 -16.68 8.43 3.39
CA THR E 232 -15.33 7.92 3.19
C THR E 232 -15.35 6.55 2.55
N GLN E 233 -14.64 6.40 1.43
CA GLN E 233 -14.59 5.12 0.73
C GLN E 233 -13.84 4.07 1.53
N ARG E 234 -12.88 4.49 2.36
CA ARG E 234 -12.11 3.54 3.15
C ARG E 234 -12.99 2.75 4.10
N LEU E 235 -14.09 3.34 4.56
CA LEU E 235 -14.97 2.72 5.53
C LEU E 235 -16.05 1.86 4.91
N GLN E 236 -16.17 1.85 3.58
CA GLN E 236 -17.21 1.08 2.90
C GLN E 236 -16.79 -0.37 2.80
N THR E 237 -16.75 -1.02 3.96
CA THR E 237 -16.35 -2.41 4.08
C THR E 237 -17.59 -3.29 4.18
N LEU E 238 -17.39 -4.58 4.46
CA LEU E 238 -18.50 -5.51 4.56
C LEU E 238 -19.23 -5.37 5.88
N THR E 239 -18.51 -5.40 7.00
CA THR E 239 -19.14 -5.26 8.31
C THR E 239 -19.77 -3.89 8.48
N ASN E 240 -19.25 -2.88 7.77
CA ASN E 240 -19.84 -1.56 7.84
C ASN E 240 -21.25 -1.52 7.27
N LEU E 241 -21.63 -2.53 6.46
CA LEU E 241 -23.02 -2.65 6.07
C LEU E 241 -23.90 -2.96 7.27
N PHE E 242 -23.47 -3.89 8.11
CA PHE E 242 -24.20 -4.17 9.34
C PHE E 242 -24.21 -2.97 10.26
N ILE E 243 -23.08 -2.26 10.33
CA ILE E 243 -23.04 -1.05 11.17
C ILE E 243 -24.01 -0.01 10.64
N THR E 244 -24.14 0.09 9.32
CA THR E 244 -25.10 1.02 8.73
C THR E 244 -26.53 0.62 9.06
N SER E 245 -26.83 -0.67 8.99
CA SER E 245 -28.15 -1.15 9.39
C SER E 245 -28.46 -0.75 10.84
N LEU E 246 -27.51 -1.03 11.74
CA LEU E 246 -27.71 -0.69 13.14
C LEU E 246 -27.90 0.80 13.34
N ALA E 247 -27.09 1.61 12.65
CA ALA E 247 -27.20 3.06 12.80
C ALA E 247 -28.53 3.57 12.28
N CYS E 248 -29.02 3.03 11.16
CA CYS E 248 -30.31 3.45 10.64
C CYS E 248 -31.44 3.08 11.58
N ALA E 249 -31.38 1.87 12.16
CA ALA E 249 -32.41 1.47 13.11
C ALA E 249 -32.42 2.38 14.32
N ASP E 250 -31.25 2.60 14.92
CA ASP E 250 -31.18 3.48 16.09
C ASP E 250 -31.56 4.91 15.73
N LEU E 251 -31.31 5.33 14.49
CA LEU E 251 -31.70 6.67 14.06
C LEU E 251 -33.21 6.80 13.99
N VAL E 252 -33.88 5.80 13.40
CA VAL E 252 -35.34 5.82 13.38
C VAL E 252 -35.88 5.84 14.81
N VAL E 253 -35.25 5.06 15.69
CA VAL E 253 -35.64 5.10 17.11
C VAL E 253 -35.57 6.53 17.61
N GLY E 254 -34.38 7.11 17.61
CA GLY E 254 -34.19 8.44 18.18
C GLY E 254 -35.06 9.50 17.55
N LEU E 255 -35.44 9.31 16.29
CA LEU E 255 -36.19 10.34 15.58
C LEU E 255 -37.69 10.23 15.81
N LEU E 256 -38.24 9.03 15.88
CA LEU E 256 -39.69 8.86 15.94
C LEU E 256 -40.20 8.22 17.22
N VAL E 257 -39.48 7.25 17.78
CA VAL E 257 -40.02 6.49 18.90
C VAL E 257 -39.86 7.25 20.21
N VAL E 258 -38.77 7.99 20.37
CA VAL E 258 -38.43 8.62 21.64
C VAL E 258 -39.26 9.89 21.84
N PRO E 259 -39.46 10.73 20.84
CA PRO E 259 -40.25 11.95 21.08
C PRO E 259 -41.67 11.69 21.53
N PHE E 260 -42.35 10.73 20.92
CA PHE E 260 -43.72 10.45 21.30
C PHE E 260 -43.79 9.81 22.69
N GLY E 261 -42.84 8.93 23.01
CA GLY E 261 -42.76 8.41 24.36
C GLY E 261 -42.52 9.51 25.37
N ALA E 262 -41.68 10.48 25.03
CA ALA E 262 -41.44 11.60 25.93
C ALA E 262 -42.70 12.43 26.14
N THR E 263 -43.46 12.65 25.07
CA THR E 263 -44.75 13.33 25.23
C THR E 263 -45.65 12.54 26.16
N LEU E 264 -45.72 11.23 25.96
CA LEU E 264 -46.55 10.39 26.83
C LEU E 264 -46.13 10.53 28.28
N VAL E 265 -44.82 10.57 28.53
CA VAL E 265 -44.32 10.59 29.90
C VAL E 265 -44.62 11.94 30.56
N VAL E 266 -44.30 13.04 29.87
CA VAL E 266 -44.44 14.37 30.46
C VAL E 266 -45.91 14.76 30.56
N ARG E 267 -46.60 14.78 29.42
CA ARG E 267 -47.99 15.21 29.42
C ARG E 267 -48.89 14.30 30.24
N GLY E 268 -48.49 13.05 30.47
CA GLY E 268 -49.25 12.13 31.28
C GLY E 268 -50.28 11.31 30.55
N THR E 269 -50.56 11.63 29.28
CA THR E 269 -51.52 10.88 28.48
C THR E 269 -51.06 10.89 27.03
N TRP E 270 -51.83 10.22 26.18
CA TRP E 270 -51.61 10.22 24.75
C TRP E 270 -52.50 11.27 24.10
N LEU E 271 -51.97 11.95 23.09
CA LEU E 271 -52.66 13.09 22.49
C LEU E 271 -52.88 12.95 20.99
N TRP E 272 -52.52 11.82 20.39
CA TRP E 272 -52.52 11.68 18.94
C TRP E 272 -53.50 10.63 18.43
N GLY E 273 -54.38 10.10 19.29
CA GLY E 273 -55.40 9.18 18.85
C GLY E 273 -54.97 7.72 18.95
N SER E 274 -55.87 6.85 18.50
CA SER E 274 -55.65 5.41 18.61
C SER E 274 -54.79 4.88 17.46
N PHE E 275 -55.07 5.33 16.24
CA PHE E 275 -54.32 4.83 15.08
C PHE E 275 -52.84 5.13 15.24
N LEU E 276 -52.51 6.37 15.59
CA LEU E 276 -51.11 6.72 15.79
C LEU E 276 -50.51 5.96 16.96
N CYS E 277 -51.31 5.64 17.97
CA CYS E 277 -50.80 4.84 19.09
C CYS E 277 -50.38 3.46 18.61
N GLU E 278 -51.25 2.81 17.82
CA GLU E 278 -50.89 1.51 17.26
C GLU E 278 -49.66 1.60 16.38
N LEU E 279 -49.60 2.62 15.53
CA LEU E 279 -48.45 2.76 14.63
C LEU E 279 -47.17 3.00 15.41
N TRP E 280 -47.24 3.78 16.49
CA TRP E 280 -46.05 4.07 17.30
C TRP E 280 -45.58 2.81 18.03
N THR E 281 -46.50 2.05 18.60
CA THR E 281 -46.14 0.79 19.22
C THR E 281 -45.44 -0.11 18.21
N SER E 282 -46.01 -0.23 17.01
CA SER E 282 -45.43 -1.09 15.99
C SER E 282 -44.03 -0.63 15.62
N LEU E 283 -43.85 0.68 15.40
CA LEU E 283 -42.55 1.18 15.00
C LEU E 283 -41.51 0.98 16.09
N ASP E 284 -41.90 1.20 17.35
CA ASP E 284 -40.99 0.98 18.46
C ASP E 284 -40.51 -0.46 18.50
N VAL E 285 -41.46 -1.40 18.46
CA VAL E 285 -41.08 -2.81 18.50
C VAL E 285 -40.18 -3.15 17.32
N LEU E 286 -40.56 -2.69 16.12
CA LEU E 286 -39.78 -2.99 14.92
C LEU E 286 -38.34 -2.52 15.08
N CYS E 287 -38.16 -1.27 15.51
CA CYS E 287 -36.81 -0.71 15.56
C CYS E 287 -35.98 -1.36 16.66
N VAL E 288 -36.58 -1.64 17.82
CA VAL E 288 -35.84 -2.30 18.88
C VAL E 288 -35.38 -3.68 18.41
N THR E 289 -36.28 -4.44 17.79
CA THR E 289 -35.93 -5.77 17.30
C THR E 289 -34.82 -5.68 16.26
N ALA E 290 -34.94 -4.73 15.32
CA ALA E 290 -33.92 -4.59 14.29
C ALA E 290 -32.56 -4.28 14.91
N SER E 291 -32.52 -3.37 15.87
CA SER E 291 -31.25 -3.01 16.50
C SER E 291 -30.61 -4.21 17.19
N ILE E 292 -31.39 -4.92 18.00
CA ILE E 292 -30.81 -6.03 18.76
C ILE E 292 -30.37 -7.15 17.82
N GLU E 293 -31.17 -7.43 16.79
CA GLU E 293 -30.80 -8.50 15.87
C GLU E 293 -29.60 -8.11 15.01
N THR E 294 -29.43 -6.82 14.71
CA THR E 294 -28.24 -6.40 13.99
C THR E 294 -27.00 -6.53 14.86
N LEU E 295 -27.12 -6.23 16.16
CA LEU E 295 -26.02 -6.51 17.08
C LEU E 295 -25.67 -8.00 17.06
N CYS E 296 -26.69 -8.85 17.12
CA CYS E 296 -26.43 -10.29 17.07
C CYS E 296 -25.76 -10.69 15.76
N VAL E 297 -26.15 -10.07 14.65
CA VAL E 297 -25.57 -10.42 13.36
C VAL E 297 -24.11 -9.98 13.30
N ILE E 298 -23.80 -8.81 13.85
CA ILE E 298 -22.41 -8.38 13.92
C ILE E 298 -21.59 -9.38 14.73
N ALA E 299 -22.15 -9.83 15.86
CA ALA E 299 -21.44 -10.82 16.67
C ALA E 299 -21.21 -12.10 15.87
N ILE E 300 -22.22 -12.55 15.13
CA ILE E 300 -22.07 -13.78 14.34
C ILE E 300 -21.02 -13.59 13.25
N ASP E 301 -20.97 -12.40 12.66
CA ASP E 301 -19.97 -12.13 11.62
C ASP E 301 -18.57 -12.21 12.20
N ARG E 302 -18.36 -11.60 13.37
CA ARG E 302 -17.05 -11.72 14.01
C ARG E 302 -16.73 -13.17 14.35
N TYR E 303 -17.72 -13.91 14.84
CA TYR E 303 -17.52 -15.31 15.15
C TYR E 303 -17.06 -16.10 13.93
N LEU E 304 -17.71 -15.87 12.80
CA LEU E 304 -17.31 -16.56 11.58
C LEU E 304 -15.91 -16.15 11.14
N ALA E 305 -15.61 -14.85 11.21
CA ALA E 305 -14.30 -14.38 10.80
C ALA E 305 -13.19 -15.00 11.63
N ILE E 306 -13.44 -15.21 12.92
CA ILE E 306 -12.39 -15.71 13.80
C ILE E 306 -12.32 -17.24 13.81
N THR E 307 -13.45 -17.93 13.69
CA THR E 307 -13.47 -19.39 13.81
C THR E 307 -13.10 -20.10 12.52
N SER E 308 -13.41 -19.50 11.37
CA SER E 308 -13.05 -20.06 10.06
C SER E 308 -12.35 -18.96 9.27
N PRO E 309 -11.09 -18.68 9.60
CA PRO E 309 -10.40 -17.54 8.95
C PRO E 309 -10.13 -17.76 7.48
N PHE E 310 -10.05 -19.01 7.02
CA PHE E 310 -9.73 -19.26 5.61
C PHE E 310 -10.98 -19.22 4.74
N ARG E 311 -12.08 -19.80 5.21
CA ARG E 311 -13.32 -19.82 4.46
C ARG E 311 -14.16 -18.56 4.63
N TYR E 312 -13.75 -17.65 5.51
CA TYR E 312 -14.55 -16.46 5.75
C TYR E 312 -14.71 -15.62 4.48
N GLN E 313 -13.74 -15.68 3.57
CA GLN E 313 -13.85 -14.94 2.33
C GLN E 313 -14.94 -15.51 1.42
N SER E 314 -15.20 -16.81 1.53
CA SER E 314 -16.22 -17.45 0.71
C SER E 314 -17.57 -17.56 1.40
N LEU E 315 -17.58 -17.59 2.74
CA LEU E 315 -18.84 -17.69 3.46
C LEU E 315 -19.57 -16.35 3.53
N MET E 316 -18.83 -15.24 3.53
CA MET E 316 -19.40 -13.91 3.65
C MET E 316 -19.14 -13.13 2.38
N THR E 317 -20.20 -12.61 1.78
CA THR E 317 -20.11 -11.78 0.59
C THR E 317 -21.03 -10.59 0.76
N ARG E 318 -20.84 -9.57 -0.09
CA ARG E 318 -21.70 -8.39 -0.01
C ARG E 318 -23.15 -8.74 -0.32
N ALA E 319 -23.37 -9.62 -1.30
CA ALA E 319 -24.73 -10.04 -1.61
C ALA E 319 -25.35 -10.79 -0.44
N ARG E 320 -24.57 -11.67 0.19
CA ARG E 320 -25.09 -12.40 1.35
C ARG E 320 -25.34 -11.46 2.52
N ALA E 321 -24.49 -10.44 2.68
CA ALA E 321 -24.73 -9.46 3.73
C ALA E 321 -26.02 -8.70 3.48
N LYS E 322 -26.27 -8.31 2.23
CA LYS E 322 -27.51 -7.63 1.91
C LYS E 322 -28.71 -8.51 2.18
N VAL E 323 -28.64 -9.78 1.80
CA VAL E 323 -29.74 -10.70 2.04
C VAL E 323 -29.97 -10.86 3.55
N ILE E 324 -28.89 -10.91 4.32
CA ILE E 324 -29.02 -11.06 5.77
C ILE E 324 -29.71 -9.84 6.37
N ILE E 325 -29.30 -8.64 5.94
CA ILE E 325 -29.93 -7.42 6.47
C ILE E 325 -31.40 -7.37 6.10
N CYS E 326 -31.72 -7.72 4.85
CA CYS E 326 -33.12 -7.74 4.43
C CYS E 326 -33.91 -8.74 5.25
N THR E 327 -33.34 -9.91 5.54
CA THR E 327 -34.05 -10.91 6.34
C THR E 327 -34.28 -10.41 7.75
N VAL E 328 -33.28 -9.74 8.34
CA VAL E 328 -33.45 -9.21 9.69
C VAL E 328 -34.59 -8.20 9.71
N TRP E 329 -34.59 -7.28 8.75
CA TRP E 329 -35.63 -6.26 8.74
C TRP E 329 -37.01 -6.85 8.46
N ALA E 330 -37.08 -7.90 7.63
CA ALA E 330 -38.36 -8.54 7.37
C ALA E 330 -38.87 -9.27 8.60
N ILE E 331 -37.98 -9.93 9.34
CA ILE E 331 -38.39 -10.57 10.59
C ILE E 331 -38.92 -9.53 11.56
N SER E 332 -38.22 -8.40 11.69
CA SER E 332 -38.69 -7.33 12.56
C SER E 332 -40.08 -6.84 12.12
N ALA E 333 -40.26 -6.64 10.81
CA ALA E 333 -41.54 -6.18 10.31
C ALA E 333 -42.66 -7.15 10.66
N LEU E 334 -42.43 -8.43 10.40
CA LEU E 334 -43.49 -9.41 10.61
C LEU E 334 -43.71 -9.75 12.07
N VAL E 335 -42.78 -9.40 12.95
CA VAL E 335 -43.02 -9.57 14.38
C VAL E 335 -43.62 -8.32 15.02
N SER E 336 -43.47 -7.15 14.38
CA SER E 336 -43.97 -5.90 14.96
C SER E 336 -45.30 -5.45 14.35
N PHE E 337 -45.34 -5.25 13.04
CA PHE E 337 -46.46 -4.53 12.44
C PHE E 337 -47.67 -5.44 12.20
N LEU E 338 -47.45 -6.68 11.82
CA LEU E 338 -48.55 -7.57 11.47
C LEU E 338 -49.39 -7.92 12.71
N PRO E 339 -48.76 -8.27 13.84
CA PRO E 339 -49.58 -8.65 15.00
C PRO E 339 -50.32 -7.48 15.63
N ILE E 340 -49.68 -6.33 15.74
CA ILE E 340 -50.31 -5.21 16.45
C ILE E 340 -51.46 -4.63 15.64
N MET E 341 -51.40 -4.71 14.31
CA MET E 341 -52.43 -4.12 13.47
C MET E 341 -53.61 -5.06 13.25
N MET E 342 -53.40 -6.37 13.33
CA MET E 342 -54.47 -7.35 13.22
C MET E 342 -55.12 -7.67 14.56
N HIS E 343 -54.82 -6.89 15.61
CA HIS E 343 -55.43 -7.05 16.92
C HIS E 343 -55.14 -8.42 17.52
N TRP E 344 -54.00 -9.00 17.16
CA TRP E 344 -53.57 -10.26 17.76
C TRP E 344 -52.84 -10.06 19.07
N TRP E 345 -52.33 -8.85 19.33
CA TRP E 345 -51.63 -8.52 20.56
C TRP E 345 -52.58 -8.09 21.68
N ARG E 346 -53.87 -7.99 21.40
CA ARG E 346 -54.82 -7.45 22.38
C ARG E 346 -55.13 -8.50 23.44
N ASP E 347 -55.05 -8.08 24.71
CA ASP E 347 -55.48 -8.93 25.81
C ASP E 347 -56.98 -8.83 25.99
N GLU E 348 -57.53 -9.72 26.81
CA GLU E 348 -58.97 -9.80 27.04
C GLU E 348 -59.37 -9.44 28.46
N ASP E 349 -58.47 -8.77 29.21
CA ASP E 349 -58.81 -8.36 30.56
C ASP E 349 -59.59 -7.04 30.54
N PRO E 350 -60.55 -6.87 31.46
CA PRO E 350 -61.32 -5.62 31.48
C PRO E 350 -60.47 -4.37 31.46
N GLN E 351 -59.36 -4.35 32.21
CA GLN E 351 -58.48 -3.18 32.17
C GLN E 351 -57.90 -2.99 30.78
N ALA E 352 -57.50 -4.09 30.12
CA ALA E 352 -57.02 -3.99 28.75
C ALA E 352 -58.12 -3.51 27.82
N LEU E 353 -59.35 -3.96 28.04
CA LEU E 353 -60.48 -3.50 27.23
C LEU E 353 -60.65 -1.99 27.36
N LYS E 354 -60.58 -1.48 28.59
CA LYS E 354 -60.70 -0.03 28.79
C LYS E 354 -59.54 0.70 28.15
N CYS E 355 -58.33 0.17 28.27
CA CYS E 355 -57.17 0.83 27.67
C CYS E 355 -57.30 0.92 26.16
N TYR E 356 -57.77 -0.15 25.53
CA TYR E 356 -57.91 -0.15 24.08
C TYR E 356 -59.09 0.69 23.62
N GLN E 357 -60.16 0.75 24.41
CA GLN E 357 -61.35 1.48 24.00
C GLN E 357 -61.17 2.98 24.12
N ASP E 358 -60.28 3.44 24.98
CA ASP E 358 -60.11 4.87 25.18
C ASP E 358 -59.04 5.41 24.24
N PRO E 359 -59.29 6.54 23.55
CA PRO E 359 -58.24 7.08 22.67
C PRO E 359 -57.10 7.75 23.41
N GLY E 360 -57.35 8.24 24.63
CA GLY E 360 -56.33 8.95 25.37
C GLY E 360 -55.45 8.06 26.22
N CYS E 361 -55.39 6.77 25.90
CA CYS E 361 -54.61 5.80 26.65
C CYS E 361 -53.82 4.95 25.67
N CYS E 362 -52.50 4.93 25.82
CA CYS E 362 -51.61 4.14 24.97
C CYS E 362 -50.64 3.41 25.90
N ASP E 363 -51.06 2.24 26.36
CA ASP E 363 -50.27 1.42 27.28
C ASP E 363 -49.86 0.12 26.59
N PHE E 364 -48.80 -0.49 27.12
CA PHE E 364 -48.28 -1.74 26.56
C PHE E 364 -48.84 -2.93 27.37
N VAL E 365 -50.13 -3.16 27.18
CA VAL E 365 -50.82 -4.29 27.80
C VAL E 365 -51.01 -5.36 26.74
N THR E 366 -50.48 -6.55 27.00
CA THR E 366 -50.49 -7.65 26.04
C THR E 366 -50.96 -8.93 26.72
N ASN E 367 -51.23 -9.93 25.89
CA ASN E 367 -51.51 -11.27 26.40
C ASN E 367 -50.23 -12.07 26.51
N ARG E 368 -50.31 -13.22 27.18
CA ARG E 368 -49.14 -14.05 27.40
C ARG E 368 -48.41 -14.35 26.09
N ALA E 369 -49.17 -14.81 25.08
CA ALA E 369 -48.55 -15.30 23.85
C ALA E 369 -47.68 -14.22 23.20
N TYR E 370 -48.26 -13.04 22.95
CA TYR E 370 -47.52 -12.03 22.20
C TYR E 370 -46.34 -11.52 23.00
N ALA E 371 -46.50 -11.30 24.30
CA ALA E 371 -45.38 -10.82 25.11
C ALA E 371 -44.24 -11.82 25.06
N ILE E 372 -44.54 -13.10 25.29
CA ILE E 372 -43.49 -14.12 25.28
C ILE E 372 -42.81 -14.17 23.93
N ALA E 373 -43.59 -14.23 22.85
CA ALA E 373 -43.00 -14.38 21.52
C ALA E 373 -42.17 -13.16 21.15
N SER E 374 -42.65 -11.96 21.45
CA SER E 374 -41.92 -10.75 21.12
C SER E 374 -40.62 -10.69 21.91
N SER E 375 -40.67 -10.96 23.21
CA SER E 375 -39.45 -10.94 24.01
C SER E 375 -38.46 -11.98 23.51
N ILE E 376 -38.95 -13.14 23.06
CA ILE E 376 -38.05 -14.20 22.61
C ILE E 376 -37.39 -13.82 21.29
N ILE E 377 -38.18 -13.29 20.35
CA ILE E 377 -37.64 -12.97 19.03
C ILE E 377 -36.81 -11.69 19.04
N SER E 378 -36.96 -10.84 20.07
CA SER E 378 -36.28 -9.56 20.11
C SER E 378 -35.02 -9.56 20.97
N PHE E 379 -35.04 -10.22 22.13
CA PHE E 379 -33.96 -10.09 23.10
C PHE E 379 -33.29 -11.41 23.43
N TYR E 380 -34.06 -12.46 23.74
CA TYR E 380 -33.48 -13.63 24.40
C TYR E 380 -32.62 -14.44 23.44
N ILE E 381 -33.13 -14.75 22.25
CA ILE E 381 -32.32 -15.47 21.27
C ILE E 381 -31.08 -14.68 20.88
N PRO E 382 -31.18 -13.39 20.54
CA PRO E 382 -29.95 -12.62 20.32
C PRO E 382 -29.01 -12.63 21.50
N LEU E 383 -29.53 -12.56 22.72
CA LEU E 383 -28.68 -12.58 23.90
C LEU E 383 -27.89 -13.88 23.99
N LEU E 384 -28.58 -15.01 23.81
CA LEU E 384 -27.89 -16.29 23.88
C LEU E 384 -26.84 -16.42 22.78
N ILE E 385 -27.19 -16.02 21.56
CA ILE E 385 -26.23 -16.12 20.46
C ILE E 385 -25.01 -15.26 20.74
N MET E 386 -25.23 -14.05 21.27
CA MET E 386 -24.10 -13.17 21.57
C MET E 386 -23.22 -13.75 22.66
N ILE E 387 -23.82 -14.28 23.73
CA ILE E 387 -23.04 -14.90 24.79
C ILE E 387 -22.17 -16.01 24.22
N PHE E 388 -22.79 -16.89 23.42
CA PHE E 388 -22.06 -18.01 22.82
C PHE E 388 -20.86 -17.51 22.01
N VAL E 389 -21.14 -16.65 21.02
CA VAL E 389 -20.09 -16.23 20.09
C VAL E 389 -18.98 -15.50 20.81
N TYR E 390 -19.33 -14.66 21.79
CA TYR E 390 -18.30 -13.87 22.44
C TYR E 390 -17.51 -14.69 23.45
N LEU E 391 -18.10 -15.72 24.04
CA LEU E 391 -17.30 -16.66 24.82
C LEU E 391 -16.26 -17.34 23.94
N ARG E 392 -16.68 -17.80 22.76
CA ARG E 392 -15.71 -18.43 21.86
C ARG E 392 -14.62 -17.44 21.44
N VAL E 393 -15.01 -16.19 21.16
CA VAL E 393 -14.03 -15.18 20.75
C VAL E 393 -13.04 -14.91 21.87
N TYR E 394 -13.53 -14.84 23.11
CA TYR E 394 -12.62 -14.64 24.24
C TYR E 394 -11.65 -15.79 24.38
N ARG E 395 -12.13 -17.02 24.21
CA ARG E 395 -11.25 -18.18 24.26
C ARG E 395 -10.16 -18.09 23.21
N GLU E 396 -10.54 -17.75 21.97
CA GLU E 396 -9.55 -17.64 20.90
C GLU E 396 -8.54 -16.54 21.18
N ALA E 397 -9.02 -15.40 21.68
CA ALA E 397 -8.11 -14.30 22.00
C ALA E 397 -7.13 -14.70 23.10
N LYS E 398 -7.61 -15.42 24.11
CA LYS E 398 -6.72 -15.88 25.17
C LYS E 398 -5.66 -16.83 24.61
N GLU E 399 -6.06 -17.73 23.72
CA GLU E 399 -5.08 -18.65 23.13
C GLU E 399 -4.03 -17.88 22.33
N GLN E 400 -4.45 -16.90 21.53
CA GLN E 400 -3.49 -16.13 20.74
C GLN E 400 -2.57 -15.33 21.65
N ILE E 401 -3.10 -14.80 22.76
CA ILE E 401 -2.26 -14.07 23.70
C ILE E 401 -1.22 -14.98 24.32
N ARG E 402 -1.64 -16.18 24.74
CA ARG E 402 -0.69 -17.15 25.27
C ARG E 402 0.39 -17.48 24.25
N LYS E 403 0.00 -17.57 22.97
CA LYS E 403 1.00 -17.83 21.94
C LYS E 403 1.99 -16.68 21.81
N ILE E 404 1.50 -15.45 21.81
CA ILE E 404 2.38 -14.30 21.63
C ILE E 404 3.40 -14.25 22.77
N ASP E 405 2.92 -14.15 24.01
CA ASP E 405 3.80 -14.15 25.17
C ASP E 405 4.67 -15.39 25.18
N ARG E 410 0.11 -9.26 30.34
CA ARG E 410 -0.91 -8.76 31.25
C ARG E 410 -1.84 -7.80 30.52
N PHE E 411 -1.24 -6.83 29.81
CA PHE E 411 -2.02 -5.79 29.16
C PHE E 411 -3.05 -6.38 28.20
N ARG E 412 -2.72 -7.49 27.53
CA ARG E 412 -3.59 -8.03 26.50
C ARG E 412 -4.82 -8.68 27.11
N GLU E 413 -4.65 -9.46 28.17
CA GLU E 413 -5.81 -10.05 28.85
C GLU E 413 -6.75 -8.96 29.35
N HIS E 414 -6.18 -7.94 29.99
CA HIS E 414 -6.99 -6.82 30.46
C HIS E 414 -7.72 -6.15 29.31
N LYS E 415 -7.05 -5.96 28.18
CA LYS E 415 -7.67 -5.26 27.06
C LYS E 415 -8.84 -6.05 26.51
N ALA E 416 -8.63 -7.34 26.25
CA ALA E 416 -9.72 -8.16 25.72
C ALA E 416 -10.88 -8.23 26.69
N LEU E 417 -10.58 -8.46 27.97
CA LEU E 417 -11.64 -8.51 28.98
C LEU E 417 -12.41 -7.20 29.01
N LYS E 418 -11.70 -6.07 28.96
CA LYS E 418 -12.35 -4.77 29.02
C LYS E 418 -13.26 -4.55 27.84
N THR E 419 -12.80 -4.88 26.63
CA THR E 419 -13.61 -4.67 25.44
C THR E 419 -14.87 -5.53 25.49
N LEU E 420 -14.71 -6.83 25.74
CA LEU E 420 -15.87 -7.71 25.75
C LEU E 420 -16.82 -7.36 26.89
N GLY E 421 -16.28 -6.96 28.05
CA GLY E 421 -17.11 -6.54 29.15
C GLY E 421 -17.90 -5.30 28.80
N ILE E 422 -17.25 -4.30 28.24
CA ILE E 422 -17.97 -3.11 27.79
C ILE E 422 -19.15 -3.52 26.93
N ILE E 423 -18.88 -4.26 25.85
CA ILE E 423 -19.95 -4.64 24.92
C ILE E 423 -21.09 -5.32 25.65
N MET E 424 -20.80 -6.48 26.25
CA MET E 424 -21.87 -7.32 26.79
C MET E 424 -22.56 -6.67 27.98
N GLY E 425 -21.78 -6.07 28.88
CA GLY E 425 -22.38 -5.43 30.04
C GLY E 425 -23.27 -4.27 29.67
N VAL E 426 -22.83 -3.42 28.74
CA VAL E 426 -23.69 -2.34 28.29
C VAL E 426 -25.00 -2.90 27.75
N PHE E 427 -24.90 -3.82 26.78
CA PHE E 427 -26.11 -4.38 26.19
C PHE E 427 -27.05 -4.94 27.26
N THR E 428 -26.53 -5.78 28.14
CA THR E 428 -27.37 -6.44 29.14
C THR E 428 -27.92 -5.43 30.12
N LEU E 429 -27.05 -4.72 30.84
CA LEU E 429 -27.50 -3.74 31.82
C LEU E 429 -28.53 -2.79 31.24
N CYS E 430 -28.53 -2.56 29.93
CA CYS E 430 -29.52 -1.65 29.38
C CYS E 430 -30.84 -2.35 29.05
N TRP E 431 -30.79 -3.56 28.47
CA TRP E 431 -32.01 -4.15 27.93
C TRP E 431 -32.62 -5.26 28.78
N LEU E 432 -31.86 -5.91 29.65
CA LEU E 432 -32.36 -7.08 30.37
C LEU E 432 -33.44 -6.73 31.38
N PRO E 433 -33.29 -5.67 32.17
CA PRO E 433 -34.33 -5.36 33.17
C PRO E 433 -35.70 -5.17 32.56
N PHE E 434 -35.80 -4.45 31.44
CA PHE E 434 -37.10 -4.19 30.85
C PHE E 434 -37.77 -5.49 30.41
N PHE E 435 -37.02 -6.38 29.77
CA PHE E 435 -37.64 -7.61 29.26
C PHE E 435 -38.01 -8.55 30.39
N LEU E 436 -37.18 -8.62 31.43
CA LEU E 436 -37.57 -9.38 32.61
C LEU E 436 -38.87 -8.86 33.20
N VAL E 437 -38.95 -7.53 33.37
CA VAL E 437 -40.18 -6.96 33.93
C VAL E 437 -41.35 -7.20 33.00
N ASN E 438 -41.11 -7.21 31.69
CA ASN E 438 -42.19 -7.44 30.74
C ASN E 438 -42.77 -8.83 30.91
N ILE E 439 -41.90 -9.84 30.96
CA ILE E 439 -42.38 -11.21 31.15
C ILE E 439 -43.13 -11.33 32.48
N VAL E 440 -42.51 -10.88 33.56
CA VAL E 440 -43.15 -11.05 34.86
C VAL E 440 -44.43 -10.21 34.95
N ASN E 441 -44.54 -9.16 34.13
CA ASN E 441 -45.75 -8.34 34.13
C ASN E 441 -46.89 -9.04 33.43
N VAL E 442 -46.60 -9.65 32.27
CA VAL E 442 -47.63 -10.41 31.59
C VAL E 442 -48.03 -11.64 32.40
N PHE E 443 -47.14 -12.13 33.26
CA PHE E 443 -47.50 -13.25 34.12
C PHE E 443 -48.15 -12.83 35.43
N ASN E 444 -47.90 -11.60 35.89
CA ASN E 444 -48.50 -11.10 37.12
C ASN E 444 -48.46 -9.59 37.09
N ARG E 445 -49.62 -8.95 37.21
CA ARG E 445 -49.72 -7.50 37.03
C ARG E 445 -49.41 -6.71 38.30
N ASP E 446 -49.67 -7.28 39.47
CA ASP E 446 -49.59 -6.52 40.71
C ASP E 446 -48.23 -6.57 41.38
N LEU E 447 -47.22 -7.16 40.74
CA LEU E 447 -45.91 -7.27 41.37
C LEU E 447 -45.05 -6.04 41.07
N VAL E 448 -44.87 -5.72 39.80
CA VAL E 448 -44.02 -4.61 39.38
C VAL E 448 -44.89 -3.39 39.14
N PRO E 449 -44.58 -2.23 39.72
CA PRO E 449 -45.37 -1.03 39.42
C PRO E 449 -45.18 -0.58 37.98
N ASP E 450 -45.85 0.50 37.59
CA ASP E 450 -45.82 0.96 36.20
C ASP E 450 -44.64 1.87 35.92
N TRP E 451 -44.32 2.79 36.84
CA TRP E 451 -43.25 3.73 36.57
C TRP E 451 -41.91 3.02 36.42
N LEU E 452 -41.70 1.93 37.15
CA LEU E 452 -40.48 1.16 36.97
C LEU E 452 -40.44 0.53 35.58
N PHE E 453 -41.59 0.07 35.09
CA PHE E 453 -41.66 -0.48 33.74
C PHE E 453 -41.28 0.58 32.71
N VAL E 454 -41.85 1.78 32.83
CA VAL E 454 -41.53 2.83 31.88
C VAL E 454 -40.07 3.23 31.98
N PHE E 455 -39.51 3.26 33.19
CA PHE E 455 -38.11 3.65 33.36
C PHE E 455 -37.18 2.62 32.73
N PHE E 456 -37.49 1.33 32.89
CA PHE E 456 -36.65 0.31 32.26
C PHE E 456 -36.76 0.38 30.74
N ASN E 457 -37.97 0.64 30.23
CA ASN E 457 -38.12 0.83 28.78
C ASN E 457 -37.27 1.99 28.29
N TRP E 458 -37.22 3.07 29.07
CA TRP E 458 -36.45 4.23 28.65
C TRP E 458 -34.95 3.98 28.76
N LEU E 459 -34.52 3.17 29.71
CA LEU E 459 -33.12 2.73 29.73
C LEU E 459 -32.79 1.93 28.48
N GLY E 460 -33.68 1.03 28.10
CA GLY E 460 -33.51 0.32 26.84
C GLY E 460 -33.36 1.26 25.67
N TYR E 461 -34.22 2.29 25.60
CA TYR E 461 -34.08 3.30 24.56
C TYR E 461 -32.69 3.94 24.62
N ALA E 462 -32.29 4.39 25.81
CA ALA E 462 -31.01 5.06 25.96
C ALA E 462 -29.86 4.19 25.46
N ASN E 463 -30.02 2.87 25.51
CA ASN E 463 -29.00 2.00 24.92
C ASN E 463 -28.67 2.42 23.49
N SER E 464 -29.61 3.05 22.80
CA SER E 464 -29.41 3.39 21.39
C SER E 464 -28.27 4.39 21.19
N ALA E 465 -27.93 5.18 22.21
CA ALA E 465 -26.91 6.21 22.08
C ALA E 465 -25.50 5.71 22.30
N PHE E 466 -25.33 4.48 22.79
CA PHE E 466 -24.00 3.96 23.11
C PHE E 466 -23.42 3.10 22.00
N ASN E 467 -24.24 2.61 21.07
CA ASN E 467 -23.70 1.79 19.99
C ASN E 467 -22.69 2.52 19.13
N PRO E 468 -22.90 3.78 18.74
CA PRO E 468 -21.84 4.48 17.99
C PRO E 468 -20.52 4.54 18.73
N ILE E 469 -20.55 4.65 20.06
CA ILE E 469 -19.32 4.74 20.84
C ILE E 469 -18.73 3.37 21.14
N ILE E 470 -19.47 2.30 20.90
CA ILE E 470 -19.01 0.95 21.22
C ILE E 470 -18.50 0.25 19.97
N TYR E 471 -19.02 0.63 18.81
CA TYR E 471 -18.70 -0.07 17.57
C TYR E 471 -18.02 0.81 16.51
N CYS E 472 -17.80 2.09 16.79
CA CYS E 472 -17.23 3.01 15.80
C CYS E 472 -16.14 3.87 16.43
N ARG E 473 -15.21 3.23 17.14
CA ARG E 473 -14.07 3.92 17.73
C ARG E 473 -12.77 3.65 16.99
N SER E 474 -12.82 2.95 15.86
CA SER E 474 -11.62 2.64 15.11
C SER E 474 -10.89 3.94 14.73
N PRO E 475 -9.59 3.85 14.44
CA PRO E 475 -8.87 5.06 14.01
C PRO E 475 -9.46 5.69 12.75
N ASP E 476 -9.90 4.86 11.79
CA ASP E 476 -10.53 5.41 10.60
C ASP E 476 -11.81 6.14 10.94
N PHE E 477 -12.60 5.59 11.86
CA PHE E 477 -13.82 6.26 12.30
C PHE E 477 -13.50 7.58 12.97
N ARG E 478 -12.48 7.60 13.84
CA ARG E 478 -12.10 8.84 14.50
C ARG E 478 -11.65 9.87 13.49
N LYS E 479 -10.95 9.45 12.44
CA LYS E 479 -10.49 10.39 11.42
C LYS E 479 -11.66 10.95 10.63
N ALA E 480 -12.61 10.09 10.25
CA ALA E 480 -13.79 10.57 9.54
C ALA E 480 -14.58 11.55 10.39
N PHE E 481 -14.70 11.26 11.70
CA PHE E 481 -15.43 12.15 12.58
C PHE E 481 -14.72 13.49 12.72
N LYS E 482 -13.40 13.47 12.92
CA LYS E 482 -12.67 14.73 12.99
C LYS E 482 -12.84 15.53 11.71
N ARG E 483 -12.75 14.88 10.56
CA ARG E 483 -12.97 15.58 9.31
C ARG E 483 -14.33 16.25 9.29
N LEU E 484 -15.39 15.44 9.37
CA LEU E 484 -16.75 15.96 9.23
C LEU E 484 -17.06 17.02 10.29
N LEU E 485 -17.07 16.61 11.56
CA LEU E 485 -17.60 17.43 12.64
C LEU E 485 -17.09 18.85 12.64
CAI 5FW F . -43.88 1.61 25.15
CAG 5FW F . -43.90 0.32 24.31
CAJ 5FW F . -44.61 0.59 23.03
NAD 5FW F . -42.49 -0.09 24.00
CAF 5FW F . -42.36 -1.52 24.13
CAE 5FW F . -40.92 -1.88 23.91
OAA 5FW F . -40.34 -0.94 23.00
CAH 5FW F . -40.82 -3.30 23.30
CAK 5FW F . -41.63 -4.33 23.78
CAL 5FW F . -39.90 -3.55 22.29
CAN 5FW F . -39.80 -4.84 21.74
CAO 5FW F . -40.62 -5.86 22.21
OAC 5FW F . -40.52 -7.16 21.66
CAM 5FW F . -41.54 -5.61 23.23
OAB 5FW F . -42.38 -6.66 23.72
HAI1 5FW F . -44.85 1.89 25.38
HAI2 5FW F . -43.31 1.45 26.08
HAI3 5FW F . -43.40 2.43 24.57
HAG 5FW F . -44.41 -0.48 24.87
HAJ1 5FW F . -44.55 -0.27 22.40
HAJ2 5FW F . -45.66 0.80 23.24
HAJ3 5FW F . -44.15 1.46 22.51
HAD 5FW F . -42.28 0.16 23.09
HAF1 5FW F . -42.66 -1.82 25.10
HAF2 5FW F . -42.98 -1.99 23.39
HAE 5FW F . -40.38 -1.84 24.86
HAA 5FW F . -39.35 -0.99 23.05
HAK 5FW F . -42.36 -4.14 24.58
HAL 5FW F . -39.25 -2.75 21.92
HAN 5FW F . -39.07 -5.04 20.92
HAC 5FW F . -40.75 -7.13 20.74
HAB 5FW F . -41.93 -7.49 23.65
#